data_3I76
#
_entry.id   3I76
#
_cell.length_a   43.685
_cell.length_b   67.964
_cell.length_c   271.404
_cell.angle_alpha   90.000
_cell.angle_beta   90.000
_cell.angle_gamma   90.000
#
_symmetry.space_group_name_H-M   'P 21 21 21'
#
loop_
_entity.id
_entity.type
_entity.pdbx_description
1 polymer 'Putative HAD-hydrolase yfnB'
2 non-polymer 'MAGNESIUM ION'
3 non-polymer 'CHLORIDE ION'
4 non-polymer GLYCEROL
5 water water
#
_entity_poly.entity_id   1
_entity_poly.type   'polypeptide(L)'
_entity_poly.pdbx_seq_one_letter_code
;MSLKRYRTLLFDVDDTILDFQAAEALALRLLFEDQNIPLTNDMKAQYKTINQGLWRAFEEGKMTRDEVVNTRFSALLKEY
GYEADGALLEQKYRRFLEEGHQLIDGAFDLISNLQQQFDLYIVTNGVSHTQYKRLRDSGLFPFFKDIFVSEDTGFQKPMK
EYFNYVFERIPQFSAEHTLIIGDSLTADIKGGQLAGLDTCWMNPDMKPNVPEIIPTYEIRKLEELYHILNIENTVSEGHH
HHHH
;
_entity_poly.pdbx_strand_id   A,B,C
#
loop_
_chem_comp.id
_chem_comp.type
_chem_comp.name
_chem_comp.formula
CL non-polymer 'CHLORIDE ION' 'Cl -1'
GOL non-polymer GLYCEROL 'C3 H8 O3'
MG non-polymer 'MAGNESIUM ION' 'Mg 2'
#
# COMPACT_ATOMS: atom_id res chain seq x y z
N LYS A 4 -2.16 -8.52 -18.56
CA LYS A 4 -2.31 -7.65 -17.33
C LYS A 4 -1.51 -6.34 -17.41
N ARG A 5 -1.66 -5.47 -16.40
CA ARG A 5 -0.96 -4.18 -16.35
C ARG A 5 -0.26 -3.96 -14.97
N TYR A 6 1.05 -4.29 -14.93
CA TYR A 6 1.89 -4.02 -13.78
C TYR A 6 1.99 -2.52 -13.51
N ARG A 7 2.16 -2.16 -12.23
CA ARG A 7 2.41 -0.79 -11.88
C ARG A 7 3.80 -0.60 -11.23
N THR A 8 4.36 -1.67 -10.65
CA THR A 8 5.58 -1.64 -9.84
C THR A 8 6.58 -2.70 -10.34
N LEU A 9 7.80 -2.28 -10.66
CA LEU A 9 8.87 -3.17 -11.15
C LEU A 9 10.07 -3.14 -10.21
N LEU A 10 10.45 -4.33 -9.74
CA LEU A 10 11.54 -4.50 -8.81
C LEU A 10 12.69 -5.08 -9.66
N PHE A 11 13.79 -4.33 -9.74
CA PHE A 11 14.98 -4.78 -10.48
C PHE A 11 16.11 -5.14 -9.55
N ASP A 12 16.64 -6.34 -9.75
CA ASP A 12 17.98 -6.63 -9.35
C ASP A 12 18.96 -5.70 -10.07
N VAL A 13 20.12 -5.51 -9.45
CA VAL A 13 21.19 -4.75 -10.06
C VAL A 13 22.18 -5.61 -10.83
N ASP A 14 22.91 -6.46 -10.15
CA ASP A 14 24.11 -7.07 -10.75
C ASP A 14 23.79 -8.28 -11.64
N ASP A 15 24.25 -8.16 -12.89
CA ASP A 15 23.89 -9.02 -14.05
C ASP A 15 22.42 -9.02 -14.46
N THR A 16 21.69 -7.99 -14.01
CA THR A 16 20.34 -7.70 -14.50
C THR A 16 20.33 -6.42 -15.29
N ILE A 17 20.75 -5.30 -14.67
CA ILE A 17 20.87 -4.06 -15.42
C ILE A 17 22.30 -3.55 -15.51
N LEU A 18 23.16 -3.95 -14.58
CA LEU A 18 24.58 -3.62 -14.64
C LEU A 18 25.35 -4.90 -14.93
N ASP A 19 26.42 -4.74 -15.73
CA ASP A 19 27.27 -5.86 -16.16
C ASP A 19 28.33 -6.16 -15.09
N PHE A 20 27.90 -6.91 -14.10
CA PHE A 20 28.74 -7.19 -12.95
C PHE A 20 29.91 -8.13 -13.34
N GLN A 21 29.66 -9.03 -14.29
CA GLN A 21 30.72 -9.92 -14.74
C GLN A 21 31.94 -9.13 -15.21
N ALA A 22 31.67 -8.08 -15.98
CA ALA A 22 32.70 -7.19 -16.51
C ALA A 22 33.44 -6.45 -15.42
N ALA A 23 32.68 -5.85 -14.50
CA ALA A 23 33.24 -5.15 -13.34
C ALA A 23 34.15 -6.04 -12.50
N GLU A 24 33.64 -7.22 -12.23
CA GLU A 24 34.36 -8.24 -11.46
C GLU A 24 35.64 -8.69 -12.18
N ALA A 25 35.55 -8.98 -13.48
CA ALA A 25 36.73 -9.36 -14.26
C ALA A 25 37.86 -8.33 -14.15
N LEU A 26 37.53 -7.07 -14.32
CA LEU A 26 38.52 -6.03 -14.16
C LEU A 26 39.02 -5.90 -12.72
N ALA A 27 38.11 -5.94 -11.73
CA ALA A 27 38.54 -5.69 -10.36
C ALA A 27 39.47 -6.80 -9.89
N LEU A 28 39.20 -8.06 -10.29
CA LEU A 28 40.04 -9.18 -9.91
C LEU A 28 41.45 -9.01 -10.48
N ARG A 29 41.53 -8.63 -11.75
CA ARG A 29 42.83 -8.38 -12.36
C ARG A 29 43.55 -7.30 -11.60
N LEU A 30 42.89 -6.18 -11.35
CA LEU A 30 43.54 -5.10 -10.64
C LEU A 30 43.96 -5.49 -9.18
N LEU A 31 43.14 -6.33 -8.53
CA LEU A 31 43.52 -6.81 -7.20
C LEU A 31 44.76 -7.64 -7.30
N PHE A 32 44.80 -8.55 -8.24
CA PHE A 32 45.95 -9.42 -8.27
C PHE A 32 47.22 -8.71 -8.72
N GLU A 33 47.10 -7.76 -9.65
CA GLU A 33 48.23 -6.85 -10.05
C GLU A 33 48.77 -6.11 -8.82
N ASP A 34 47.85 -5.55 -8.06
CA ASP A 34 48.16 -4.88 -6.77
C ASP A 34 48.95 -5.73 -5.83
N GLN A 35 48.57 -7.02 -5.73
CA GLN A 35 49.23 -7.94 -4.82
C GLN A 35 50.44 -8.64 -5.41
N ASN A 36 50.73 -8.38 -6.69
CA ASN A 36 51.83 -9.07 -7.38
CA ASN A 36 51.82 -9.08 -7.39
C ASN A 36 51.67 -10.59 -7.32
N ILE A 37 50.42 -11.07 -7.46
CA ILE A 37 50.14 -12.48 -7.56
C ILE A 37 49.61 -12.87 -8.96
N PRO A 38 50.28 -13.79 -9.65
CA PRO A 38 49.74 -14.21 -10.95
C PRO A 38 48.34 -14.78 -10.83
N LEU A 39 47.45 -14.33 -11.72
CA LEU A 39 46.04 -14.74 -11.73
C LEU A 39 45.81 -15.61 -12.95
N THR A 40 45.54 -16.88 -12.73
CA THR A 40 45.38 -17.85 -13.82
C THR A 40 43.89 -18.07 -14.13
N ASN A 41 43.62 -18.65 -15.29
CA ASN A 41 42.22 -18.92 -15.65
C ASN A 41 41.58 -19.93 -14.66
N ASP A 42 42.38 -20.89 -14.22
CA ASP A 42 41.90 -21.82 -13.20
C ASP A 42 41.54 -21.09 -11.89
N MET A 43 42.36 -20.13 -11.47
CA MET A 43 42.12 -19.38 -10.26
C MET A 43 40.82 -18.56 -10.36
N LYS A 44 40.59 -17.93 -11.51
CA LYS A 44 39.31 -17.26 -11.76
C LYS A 44 38.11 -18.17 -11.64
N ALA A 45 38.19 -19.36 -12.23
CA ALA A 45 37.12 -20.34 -12.14
C ALA A 45 36.86 -20.76 -10.69
N GLN A 46 37.93 -20.98 -9.91
CA GLN A 46 37.76 -21.38 -8.52
C GLN A 46 37.19 -20.22 -7.68
N TYR A 47 37.64 -19.00 -7.94
CA TYR A 47 37.06 -17.81 -7.33
C TYR A 47 35.56 -17.77 -7.53
N LYS A 48 35.13 -18.02 -8.72
CA LYS A 48 33.74 -17.89 -8.97
C LYS A 48 32.95 -19.01 -8.25
N THR A 49 33.48 -20.23 -8.15
CA THR A 49 32.77 -21.29 -7.41
C THR A 49 32.74 -20.97 -5.91
N ILE A 50 33.86 -20.48 -5.40
CA ILE A 50 33.97 -20.12 -4.01
C ILE A 50 33.03 -18.95 -3.71
N ASN A 51 33.08 -17.92 -4.52
CA ASN A 51 32.26 -16.75 -4.29
C ASN A 51 30.77 -17.11 -4.34
N GLN A 52 30.37 -17.81 -5.39
CA GLN A 52 28.98 -18.25 -5.53
C GLN A 52 28.50 -19.11 -4.34
N GLY A 53 29.39 -19.97 -3.83
CA GLY A 53 29.10 -20.85 -2.69
C GLY A 53 28.90 -20.02 -1.41
N LEU A 54 29.76 -19.01 -1.22
CA LEU A 54 29.64 -18.11 -0.06
C LEU A 54 28.33 -17.33 -0.10
N TRP A 55 28.03 -16.73 -1.26
CA TRP A 55 26.79 -15.97 -1.39
C TRP A 55 25.58 -16.88 -1.13
N ARG A 56 25.60 -18.10 -1.67
CA ARG A 56 24.52 -19.06 -1.46
C ARG A 56 24.32 -19.37 0.05
N ALA A 57 25.42 -19.57 0.77
CA ALA A 57 25.42 -19.76 2.22
C ALA A 57 24.78 -18.56 2.97
N PHE A 58 25.14 -17.35 2.56
CA PHE A 58 24.50 -16.14 3.06
C PHE A 58 23.00 -16.10 2.77
N GLU A 59 22.60 -16.35 1.51
CA GLU A 59 21.22 -16.42 1.10
C GLU A 59 20.41 -17.39 1.92
N GLU A 60 21.05 -18.50 2.32
CA GLU A 60 20.38 -19.54 3.12
C GLU A 60 20.48 -19.24 4.63
N GLY A 61 21.11 -18.13 5.04
CA GLY A 61 21.16 -17.73 6.43
C GLY A 61 22.17 -18.42 7.31
N LYS A 62 23.22 -19.01 6.71
CA LYS A 62 24.23 -19.74 7.43
C LYS A 62 25.47 -18.91 7.67
N MET A 63 25.51 -17.72 7.08
CA MET A 63 26.67 -16.90 7.07
C MET A 63 26.27 -15.44 6.98
N THR A 64 27.03 -14.54 7.61
CA THR A 64 26.85 -13.10 7.31
C THR A 64 27.48 -12.67 5.97
N ARG A 65 27.02 -11.51 5.49
CA ARG A 65 27.58 -10.95 4.28
C ARG A 65 29.00 -10.49 4.50
N ASP A 66 29.33 -10.03 5.70
CA ASP A 66 30.70 -9.68 6.00
C ASP A 66 31.65 -10.86 5.81
N GLU A 67 31.23 -12.03 6.31
CA GLU A 67 32.02 -13.22 6.14
C GLU A 67 32.22 -13.58 4.66
N VAL A 68 31.15 -13.52 3.88
CA VAL A 68 31.25 -13.78 2.44
C VAL A 68 32.39 -12.96 1.85
N VAL A 69 32.31 -11.64 2.02
CA VAL A 69 33.23 -10.76 1.34
C VAL A 69 34.63 -10.78 1.94
N ASN A 70 34.74 -10.95 3.27
CA ASN A 70 36.05 -10.95 3.91
C ASN A 70 36.80 -12.26 3.96
N THR A 71 36.19 -13.34 3.50
CA THR A 71 36.89 -14.65 3.45
C THR A 71 37.09 -15.21 2.04
N ARG A 72 36.34 -14.71 1.06
CA ARG A 72 36.43 -15.26 -0.29
C ARG A 72 37.88 -15.28 -0.81
N PHE A 73 38.60 -14.18 -0.65
CA PHE A 73 39.97 -14.10 -1.19
C PHE A 73 41.01 -14.87 -0.39
N SER A 74 40.89 -14.89 0.94
CA SER A 74 41.74 -15.71 1.77
C SER A 74 41.50 -17.19 1.49
N ALA A 75 40.24 -17.59 1.37
CA ALA A 75 39.91 -18.98 1.02
C ALA A 75 40.43 -19.43 -0.38
N LEU A 76 40.30 -18.55 -1.36
CA LEU A 76 40.83 -18.81 -2.67
C LEU A 76 42.35 -18.99 -2.61
N LEU A 77 43.02 -18.03 -2.03
CA LEU A 77 44.49 -18.01 -2.08
C LEU A 77 45.14 -19.15 -1.28
N LYS A 78 44.41 -19.58 -0.28
CA LYS A 78 44.88 -20.72 0.52
C LYS A 78 45.09 -21.98 -0.37
N GLU A 79 44.14 -22.22 -1.28
CA GLU A 79 44.28 -23.32 -2.25
C GLU A 79 45.45 -23.22 -3.23
N TYR A 80 46.07 -22.05 -3.33
CA TYR A 80 47.19 -21.81 -4.22
C TYR A 80 48.49 -21.52 -3.49
N GLY A 81 48.48 -21.74 -2.17
CA GLY A 81 49.69 -21.72 -1.38
C GLY A 81 50.03 -20.39 -0.77
N TYR A 82 49.10 -19.42 -0.81
CA TYR A 82 49.35 -18.09 -0.26
C TYR A 82 48.56 -17.96 1.01
N GLU A 83 49.12 -17.39 2.07
CA GLU A 83 48.29 -17.04 3.20
C GLU A 83 47.98 -15.52 3.09
N ALA A 84 46.72 -15.16 3.20
CA ALA A 84 46.33 -13.80 2.93
C ALA A 84 45.38 -13.27 3.98
N ASP A 85 45.40 -11.96 4.15
CA ASP A 85 44.44 -11.29 4.99
C ASP A 85 43.22 -11.00 4.12
N GLY A 86 42.20 -11.82 4.31
CA GLY A 86 40.93 -11.75 3.56
C GLY A 86 40.25 -10.40 3.56
N ALA A 87 40.15 -9.84 4.76
CA ALA A 87 39.59 -8.50 4.95
C ALA A 87 40.31 -7.34 4.23
N LEU A 88 41.64 -7.31 4.32
CA LEU A 88 42.46 -6.35 3.61
C LEU A 88 42.31 -6.49 2.09
N LEU A 89 42.22 -7.72 1.58
CA LEU A 89 42.10 -7.94 0.15
C LEU A 89 40.73 -7.48 -0.31
N GLU A 90 39.70 -7.78 0.47
CA GLU A 90 38.35 -7.31 0.14
C GLU A 90 38.25 -5.77 0.08
N GLN A 91 38.93 -5.06 0.98
CA GLN A 91 38.97 -3.61 0.99
C GLN A 91 39.58 -3.07 -0.35
N LYS A 92 40.67 -3.67 -0.77
CA LYS A 92 41.32 -3.31 -2.06
C LYS A 92 40.42 -3.66 -3.23
N TYR A 93 39.84 -4.85 -3.23
CA TYR A 93 38.98 -5.31 -4.28
C TYR A 93 37.77 -4.40 -4.44
N ARG A 94 37.21 -4.00 -3.31
CA ARG A 94 35.99 -3.23 -3.28
C ARG A 94 36.23 -1.90 -3.94
N ARG A 95 37.38 -1.33 -3.68
CA ARG A 95 37.78 -0.03 -4.21
C ARG A 95 37.88 -0.10 -5.74
N PHE A 96 38.40 -1.20 -6.26
CA PHE A 96 38.45 -1.43 -7.70
C PHE A 96 37.09 -1.74 -8.28
N LEU A 97 36.31 -2.57 -7.60
CA LEU A 97 35.03 -2.97 -8.14
C LEU A 97 34.13 -1.78 -8.38
N GLU A 98 34.19 -0.82 -7.46
CA GLU A 98 33.28 0.36 -7.53
C GLU A 98 33.51 1.29 -8.73
N GLU A 99 34.64 1.14 -9.38
CA GLU A 99 34.96 1.88 -10.59
C GLU A 99 34.31 1.30 -11.85
N GLY A 100 33.80 0.08 -11.78
CA GLY A 100 33.20 -0.59 -12.92
C GLY A 100 31.69 -0.39 -12.94
N HIS A 101 31.20 0.34 -13.92
CA HIS A 101 29.80 0.68 -14.01
C HIS A 101 29.26 0.31 -15.40
N GLN A 102 29.88 -0.72 -15.98
CA GLN A 102 29.43 -1.31 -17.26
C GLN A 102 27.96 -1.68 -17.19
N LEU A 103 27.23 -1.35 -18.26
CA LEU A 103 25.78 -1.63 -18.35
C LEU A 103 25.48 -2.94 -19.10
N ILE A 104 24.39 -3.60 -18.73
CA ILE A 104 23.82 -4.65 -19.57
C ILE A 104 23.30 -4.02 -20.85
N ASP A 105 23.45 -4.78 -21.93
CA ASP A 105 23.02 -4.32 -23.24
C ASP A 105 21.61 -3.76 -23.20
N GLY A 106 21.45 -2.49 -23.56
CA GLY A 106 20.12 -1.89 -23.63
C GLY A 106 19.46 -1.39 -22.34
N ALA A 107 20.16 -1.53 -21.22
CA ALA A 107 19.66 -1.19 -19.90
C ALA A 107 19.28 0.24 -19.77
N PHE A 108 20.12 1.17 -20.24
CA PHE A 108 19.83 2.56 -20.00
C PHE A 108 18.53 2.95 -20.71
N ASP A 109 18.49 2.69 -22.00
CA ASP A 109 17.30 2.97 -22.78
C ASP A 109 16.06 2.36 -22.16
N LEU A 110 16.11 1.07 -21.79
CA LEU A 110 14.98 0.39 -21.21
C LEU A 110 14.47 1.08 -19.93
N ILE A 111 15.39 1.30 -18.98
CA ILE A 111 15.02 1.87 -17.71
C ILE A 111 14.51 3.30 -17.91
N SER A 112 15.13 4.03 -18.84
CA SER A 112 14.68 5.35 -19.14
C SER A 112 13.22 5.39 -19.61
N ASN A 113 12.85 4.42 -20.45
CA ASN A 113 11.49 4.38 -20.98
C ASN A 113 10.52 3.87 -19.92
N LEU A 114 10.91 2.83 -19.19
CA LEU A 114 9.99 2.26 -18.21
C LEU A 114 9.67 3.19 -17.06
N GLN A 115 10.63 4.02 -16.67
CA GLN A 115 10.39 5.02 -15.62
C GLN A 115 9.17 5.90 -15.91
N GLN A 116 8.92 6.17 -17.18
CA GLN A 116 7.77 7.02 -17.58
C GLN A 116 6.41 6.36 -17.32
N GLN A 117 6.35 5.03 -17.30
CA GLN A 117 5.04 4.31 -17.13
C GLN A 117 4.90 3.42 -15.91
N PHE A 118 6.01 3.14 -15.21
CA PHE A 118 5.97 2.29 -14.02
C PHE A 118 6.76 2.94 -12.91
N ASP A 119 6.50 2.51 -11.69
CA ASP A 119 7.36 2.83 -10.57
C ASP A 119 8.42 1.73 -10.40
N LEU A 120 9.68 2.17 -10.43
CA LEU A 120 10.84 1.28 -10.44
C LEU A 120 11.55 1.28 -9.07
N TYR A 121 11.87 0.08 -8.54
CA TYR A 121 12.60 -0.07 -7.27
C TYR A 121 13.80 -0.99 -7.47
N ILE A 122 14.88 -0.77 -6.73
CA ILE A 122 16.01 -1.67 -6.74
C ILE A 122 15.86 -2.64 -5.57
N VAL A 123 16.12 -3.92 -5.84
CA VAL A 123 16.20 -4.95 -4.81
C VAL A 123 17.54 -5.66 -4.96
N THR A 124 18.38 -5.54 -3.95
CA THR A 124 19.77 -6.03 -4.07
C THR A 124 20.34 -6.46 -2.74
N ASN A 125 21.15 -7.51 -2.75
CA ASN A 125 21.98 -7.92 -1.63
C ASN A 125 23.39 -7.32 -1.65
N GLY A 126 23.75 -6.55 -2.67
CA GLY A 126 25.10 -6.02 -2.72
C GLY A 126 25.35 -4.89 -1.75
N VAL A 127 26.61 -4.55 -1.56
CA VAL A 127 27.03 -3.47 -0.69
C VAL A 127 26.42 -2.13 -1.16
N SER A 128 25.70 -1.47 -0.24
CA SER A 128 25.02 -0.25 -0.61
CA SER A 128 25.03 -0.21 -0.55
C SER A 128 25.97 0.81 -1.24
N HIS A 129 27.12 1.05 -0.66
CA HIS A 129 28.06 2.07 -1.24
C HIS A 129 28.41 1.76 -2.68
N THR A 130 28.66 0.49 -2.93
CA THR A 130 29.01 -0.01 -4.25
C THR A 130 27.85 0.19 -5.23
N GLN A 131 26.65 -0.14 -4.81
CA GLN A 131 25.49 -0.12 -5.69
C GLN A 131 25.08 1.32 -6.02
N TYR A 132 25.03 2.19 -5.03
CA TYR A 132 24.75 3.62 -5.26
C TYR A 132 25.77 4.22 -6.22
N LYS A 133 27.06 4.00 -6.00
CA LYS A 133 28.10 4.60 -6.90
C LYS A 133 27.96 4.12 -8.37
N ARG A 134 27.79 2.82 -8.58
CA ARG A 134 27.70 2.29 -9.93
C ARG A 134 26.40 2.65 -10.61
N LEU A 135 25.33 2.68 -9.83
CA LEU A 135 24.04 3.17 -10.36
C LEU A 135 24.13 4.62 -10.77
N ARG A 136 24.81 5.44 -9.99
CA ARG A 136 25.03 6.82 -10.40
C ARG A 136 25.95 6.95 -11.61
N ASP A 137 27.10 6.27 -11.59
CA ASP A 137 28.09 6.48 -12.64
C ASP A 137 27.55 5.98 -13.97
N SER A 138 26.69 4.95 -13.94
CA SER A 138 26.09 4.41 -15.14
C SER A 138 24.94 5.22 -15.70
N GLY A 139 24.41 6.16 -14.92
CA GLY A 139 23.26 6.95 -15.33
C GLY A 139 21.91 6.35 -14.94
N LEU A 140 21.88 5.17 -14.30
CA LEU A 140 20.59 4.56 -13.96
C LEU A 140 19.92 5.14 -12.71
N PHE A 141 20.72 5.72 -11.81
CA PHE A 141 20.23 6.09 -10.47
C PHE A 141 18.92 6.93 -10.38
N PRO A 142 18.81 8.03 -11.19
CA PRO A 142 17.70 8.95 -11.03
C PRO A 142 16.36 8.32 -11.36
N PHE A 143 16.34 7.17 -12.04
CA PHE A 143 15.11 6.56 -12.50
C PHE A 143 14.38 5.72 -11.45
N PHE A 144 15.00 5.42 -10.32
CA PHE A 144 14.44 4.54 -9.30
C PHE A 144 13.85 5.33 -8.14
N LYS A 145 12.68 4.94 -7.68
CA LYS A 145 12.04 5.65 -6.59
C LYS A 145 12.62 5.33 -5.21
N ASP A 146 13.07 4.10 -4.99
CA ASP A 146 13.69 3.73 -3.72
C ASP A 146 14.64 2.58 -3.97
N ILE A 147 15.52 2.35 -3.02
CA ILE A 147 16.56 1.35 -3.15
C ILE A 147 16.55 0.51 -1.91
N PHE A 148 16.36 -0.77 -2.10
CA PHE A 148 16.22 -1.67 -0.98
C PHE A 148 17.38 -2.61 -0.94
N VAL A 149 18.29 -2.35 -0.02
CA VAL A 149 19.52 -3.12 0.16
C VAL A 149 19.35 -3.98 1.41
N SER A 150 19.75 -5.23 1.29
CA SER A 150 19.71 -6.22 2.36
C SER A 150 20.25 -5.72 3.68
N GLU A 151 21.38 -5.00 3.62
CA GLU A 151 22.03 -4.54 4.80
C GLU A 151 21.16 -3.63 5.67
N ASP A 152 20.14 -3.00 5.10
CA ASP A 152 19.26 -2.16 5.89
C ASP A 152 18.06 -2.90 6.51
N THR A 153 17.88 -4.19 6.21
CA THR A 153 16.63 -4.87 6.51
C THR A 153 16.77 -5.90 7.62
N GLY A 154 17.98 -6.30 7.96
CA GLY A 154 18.18 -7.48 8.81
C GLY A 154 18.02 -8.83 8.09
N PHE A 155 17.57 -8.82 6.84
CA PHE A 155 17.43 -10.03 6.03
C PHE A 155 18.07 -9.82 4.65
N GLN A 156 17.75 -10.70 3.70
CA GLN A 156 18.39 -10.73 2.38
C GLN A 156 17.58 -11.55 1.42
N LYS A 157 17.63 -11.22 0.12
CA LYS A 157 17.03 -12.06 -0.91
C LYS A 157 17.65 -13.44 -0.77
N PRO A 158 16.85 -14.53 -0.86
CA PRO A 158 15.47 -14.68 -1.18
C PRO A 158 14.42 -14.66 -0.05
N MET A 159 14.83 -14.29 1.17
CA MET A 159 14.05 -14.51 2.40
C MET A 159 12.72 -13.76 2.33
N LYS A 160 11.62 -14.41 2.74
CA LYS A 160 10.29 -13.76 2.68
C LYS A 160 10.29 -12.47 3.53
N GLU A 161 11.01 -12.47 4.65
CA GLU A 161 11.10 -11.28 5.51
C GLU A 161 11.80 -10.08 4.81
N TYR A 162 12.71 -10.34 3.88
CA TYR A 162 13.30 -9.25 3.05
C TYR A 162 12.23 -8.69 2.15
N PHE A 163 11.47 -9.55 1.49
CA PHE A 163 10.46 -9.05 0.57
C PHE A 163 9.32 -8.34 1.38
N ASN A 164 9.01 -8.82 2.57
CA ASN A 164 8.02 -8.13 3.42
C ASN A 164 8.44 -6.71 3.82
N TYR A 165 9.73 -6.55 4.12
CA TYR A 165 10.30 -5.26 4.44
C TYR A 165 10.08 -4.32 3.25
N VAL A 166 10.33 -4.82 2.04
CA VAL A 166 10.20 -4.05 0.80
C VAL A 166 8.73 -3.67 0.58
N PHE A 167 7.87 -4.67 0.65
CA PHE A 167 6.47 -4.44 0.34
C PHE A 167 5.83 -3.41 1.25
N GLU A 168 6.11 -3.47 2.55
CA GLU A 168 5.60 -2.50 3.58
C GLU A 168 6.02 -1.06 3.26
N ARG A 169 7.12 -0.91 2.54
CA ARG A 169 7.69 0.40 2.33
C ARG A 169 7.45 0.93 0.94
N ILE A 170 6.72 0.18 0.10
CA ILE A 170 6.33 0.70 -1.20
C ILE A 170 4.89 1.26 -1.09
N PRO A 171 4.71 2.57 -1.30
CA PRO A 171 3.35 3.08 -1.09
C PRO A 171 2.31 2.49 -2.06
N GLN A 172 1.15 2.09 -1.52
CA GLN A 172 0.06 1.44 -2.28
C GLN A 172 0.56 0.23 -3.06
N PHE A 173 1.35 -0.59 -2.37
CA PHE A 173 1.90 -1.80 -2.91
C PHE A 173 0.79 -2.78 -3.28
N SER A 174 0.86 -3.31 -4.49
CA SER A 174 0.00 -4.42 -4.88
C SER A 174 0.81 -5.55 -5.53
N ALA A 175 0.89 -6.70 -4.85
CA ALA A 175 1.67 -7.86 -5.29
C ALA A 175 1.27 -8.28 -6.69
N GLU A 176 -0.03 -8.22 -6.93
CA GLU A 176 -0.58 -8.64 -8.18
C GLU A 176 -0.16 -7.75 -9.34
N HIS A 177 0.15 -6.47 -9.09
CA HIS A 177 0.61 -5.56 -10.14
C HIS A 177 2.13 -5.25 -10.02
N THR A 178 2.88 -6.22 -9.48
CA THR A 178 4.32 -6.10 -9.24
C THR A 178 5.07 -7.23 -9.99
N LEU A 179 6.07 -6.84 -10.79
CA LEU A 179 7.00 -7.79 -11.43
C LEU A 179 8.42 -7.63 -10.89
N ILE A 180 9.08 -8.74 -10.59
CA ILE A 180 10.50 -8.70 -10.23
C ILE A 180 11.27 -9.23 -11.41
N ILE A 181 12.36 -8.53 -11.72
CA ILE A 181 13.26 -8.88 -12.84
C ILE A 181 14.66 -9.10 -12.23
N GLY A 182 15.25 -10.26 -12.48
CA GLY A 182 16.57 -10.56 -11.92
C GLY A 182 17.17 -11.82 -12.55
N ASP A 183 18.48 -11.97 -12.40
CA ASP A 183 19.23 -13.06 -13.03
C ASP A 183 19.38 -14.27 -12.12
N SER A 184 19.14 -14.13 -10.80
CA SER A 184 19.37 -15.22 -9.87
C SER A 184 18.09 -16.05 -9.70
N LEU A 185 18.18 -17.32 -10.13
CA LEU A 185 17.06 -18.24 -10.07
C LEU A 185 16.67 -18.39 -8.61
N THR A 186 17.65 -18.50 -7.73
CA THR A 186 17.35 -18.69 -6.29
C THR A 186 17.02 -17.39 -5.55
N ALA A 187 17.87 -16.37 -5.68
CA ALA A 187 17.65 -15.09 -4.98
C ALA A 187 16.48 -14.24 -5.47
N ASP A 188 16.35 -14.08 -6.78
CA ASP A 188 15.35 -13.21 -7.38
C ASP A 188 14.06 -13.92 -7.75
N ILE A 189 14.19 -15.04 -8.44
CA ILE A 189 13.02 -15.66 -9.05
C ILE A 189 12.24 -16.48 -8.00
N LYS A 190 12.92 -17.39 -7.32
CA LYS A 190 12.30 -18.18 -6.23
C LYS A 190 11.90 -17.32 -5.04
N GLY A 191 12.73 -16.33 -4.69
CA GLY A 191 12.39 -15.34 -3.64
C GLY A 191 11.07 -14.65 -3.95
N GLY A 192 10.98 -14.14 -5.17
CA GLY A 192 9.87 -13.32 -5.57
C GLY A 192 8.60 -14.15 -5.70
N GLN A 193 8.74 -15.31 -6.33
CA GLN A 193 7.62 -16.26 -6.44
C GLN A 193 7.09 -16.68 -5.05
N LEU A 194 7.96 -17.13 -4.15
CA LEU A 194 7.50 -17.43 -2.78
C LEU A 194 6.84 -16.20 -2.10
N ALA A 195 7.32 -14.99 -2.41
CA ALA A 195 6.76 -13.79 -1.83
C ALA A 195 5.48 -13.36 -2.55
N GLY A 196 5.08 -14.15 -3.54
CA GLY A 196 3.78 -13.98 -4.16
C GLY A 196 3.84 -13.15 -5.41
N LEU A 197 5.02 -13.03 -6.02
CA LEU A 197 5.15 -12.11 -7.19
C LEU A 197 5.34 -12.86 -8.50
N ASP A 198 4.89 -12.27 -9.60
CA ASP A 198 5.31 -12.73 -10.93
C ASP A 198 6.81 -12.44 -11.01
N THR A 199 7.48 -13.22 -11.85
CA THR A 199 8.93 -13.16 -11.98
C THR A 199 9.37 -13.16 -13.45
N CYS A 200 10.45 -12.42 -13.74
CA CYS A 200 11.08 -12.44 -15.05
C CYS A 200 12.55 -12.76 -14.89
N TRP A 201 12.93 -13.95 -15.34
CA TRP A 201 14.31 -14.42 -15.23
C TRP A 201 15.18 -13.94 -16.37
N MET A 202 16.14 -13.09 -16.03
CA MET A 202 17.15 -12.65 -17.00
C MET A 202 18.25 -13.73 -17.17
N ASN A 203 18.24 -14.39 -18.32
CA ASN A 203 19.04 -15.58 -18.54
C ASN A 203 19.69 -15.57 -19.93
N PRO A 204 20.53 -14.59 -20.22
CA PRO A 204 21.15 -14.48 -21.54
C PRO A 204 22.00 -15.68 -21.94
N ASP A 205 22.55 -16.38 -20.95
CA ASP A 205 23.43 -17.52 -21.19
C ASP A 205 22.68 -18.85 -21.07
N MET A 206 21.35 -18.78 -21.16
CA MET A 206 20.50 -19.97 -21.18
C MET A 206 20.94 -21.14 -20.25
N LYS A 207 21.08 -20.90 -18.94
CA LYS A 207 21.47 -21.97 -18.00
C LYS A 207 20.41 -23.05 -17.81
N ILE A 213 11.72 -24.38 -10.47
CA ILE A 213 11.44 -22.94 -10.34
C ILE A 213 11.14 -22.35 -11.70
N ILE A 214 9.85 -22.29 -12.05
CA ILE A 214 9.40 -21.74 -13.33
C ILE A 214 9.02 -20.25 -13.20
N PRO A 215 9.71 -19.40 -13.94
CA PRO A 215 9.33 -18.01 -13.92
C PRO A 215 8.13 -17.75 -14.82
N THR A 216 7.42 -16.65 -14.54
CA THR A 216 6.32 -16.21 -15.36
C THR A 216 6.86 -15.91 -16.75
N TYR A 217 8.05 -15.28 -16.83
CA TYR A 217 8.72 -15.02 -18.09
C TYR A 217 10.23 -15.32 -17.98
N GLU A 218 10.85 -15.66 -19.09
CA GLU A 218 12.30 -15.85 -19.16
C GLU A 218 12.74 -15.12 -20.40
N ILE A 219 13.81 -14.32 -20.27
CA ILE A 219 14.29 -13.51 -21.38
C ILE A 219 15.81 -13.60 -21.55
N ARG A 220 16.25 -13.20 -22.73
CA ARG A 220 17.66 -13.19 -23.11
C ARG A 220 18.21 -11.78 -23.11
N LYS A 221 17.35 -10.82 -23.43
CA LYS A 221 17.75 -9.46 -23.57
C LYS A 221 16.72 -8.60 -22.88
N LEU A 222 17.20 -7.58 -22.20
CA LEU A 222 16.31 -6.67 -21.51
C LEU A 222 15.21 -6.10 -22.43
N GLU A 223 15.52 -5.91 -23.70
CA GLU A 223 14.57 -5.35 -24.63
C GLU A 223 13.29 -6.21 -24.80
N GLU A 224 13.37 -7.49 -24.50
CA GLU A 224 12.17 -8.34 -24.50
C GLU A 224 11.07 -7.86 -23.53
N LEU A 225 11.40 -6.98 -22.57
CA LEU A 225 10.43 -6.49 -21.59
C LEU A 225 9.44 -5.51 -22.20
N TYR A 226 9.78 -4.91 -23.34
CA TYR A 226 8.84 -4.05 -24.02
C TYR A 226 7.56 -4.84 -24.40
N HIS A 227 7.75 -6.02 -25.00
CA HIS A 227 6.61 -6.87 -25.33
C HIS A 227 5.92 -7.38 -24.07
N ILE A 228 6.67 -7.88 -23.09
CA ILE A 228 6.04 -8.42 -21.86
C ILE A 228 5.15 -7.39 -21.14
N LEU A 229 5.55 -6.13 -21.19
CA LEU A 229 4.84 -5.06 -20.49
C LEU A 229 3.95 -4.22 -21.44
N ASN A 230 3.77 -4.70 -22.68
CA ASN A 230 2.78 -4.14 -23.61
C ASN A 230 3.02 -2.65 -23.96
N ILE A 231 4.25 -2.26 -24.33
CA ILE A 231 4.56 -0.80 -24.50
C ILE A 231 5.56 -0.47 -25.63
N LYS B 4 -20.18 25.75 23.76
CA LYS B 4 -19.75 24.97 22.55
C LYS B 4 -18.82 23.81 22.93
N ARG B 5 -19.23 22.56 22.69
CA ARG B 5 -18.38 21.44 23.02
C ARG B 5 -17.80 20.97 21.68
N TYR B 6 -16.47 20.79 21.63
CA TYR B 6 -15.89 20.11 20.51
C TYR B 6 -16.29 18.66 20.56
N ARG B 7 -16.47 18.05 19.41
CA ARG B 7 -16.72 16.58 19.32
C ARG B 7 -15.55 15.81 18.66
N THR B 8 -14.75 16.52 17.86
CA THR B 8 -13.73 15.91 17.00
C THR B 8 -12.40 16.63 17.22
N LEU B 9 -11.33 15.88 17.50
CA LEU B 9 -10.00 16.47 17.74
C LEU B 9 -9.04 15.88 16.70
N LEU B 10 -8.39 16.76 15.92
CA LEU B 10 -7.38 16.35 14.97
C LEU B 10 -6.03 16.68 15.61
N PHE B 11 -5.18 15.68 15.79
CA PHE B 11 -3.86 15.85 16.40
C PHE B 11 -2.80 15.68 15.35
N ASP B 12 -1.86 16.62 15.29
CA ASP B 12 -0.56 16.40 14.67
C ASP B 12 0.21 15.36 15.43
N VAL B 13 1.13 14.69 14.76
CA VAL B 13 2.04 13.72 15.39
C VAL B 13 3.37 14.33 15.87
N ASP B 14 4.22 14.74 14.93
CA ASP B 14 5.60 15.13 15.24
C ASP B 14 5.78 16.46 15.98
N ASP B 15 6.30 16.33 17.18
CA ASP B 15 6.44 17.40 18.13
C ASP B 15 5.12 17.95 18.67
N THR B 16 4.06 17.12 18.57
CA THR B 16 2.84 17.42 19.21
C THR B 16 2.53 16.31 20.23
N ILE B 17 2.43 15.06 19.77
CA ILE B 17 2.32 13.94 20.69
C ILE B 17 3.46 12.94 20.66
N LEU B 18 4.18 12.84 19.54
CA LEU B 18 5.45 12.12 19.50
C LEU B 18 6.63 13.09 19.54
N ASP B 19 7.69 12.68 20.25
CA ASP B 19 8.89 13.48 20.36
C ASP B 19 9.81 13.26 19.17
N PHE B 20 9.63 14.08 18.14
CA PHE B 20 10.38 13.89 16.89
C PHE B 20 11.82 14.36 17.03
N GLN B 21 12.07 15.34 17.90
CA GLN B 21 13.43 15.76 18.22
C GLN B 21 14.24 14.58 18.80
N ALA B 22 13.61 13.77 19.62
CA ALA B 22 14.26 12.59 20.20
C ALA B 22 14.48 11.55 19.11
N ALA B 23 13.50 11.44 18.21
CA ALA B 23 13.64 10.51 17.05
C ALA B 23 14.81 10.87 16.13
N GLU B 24 14.97 12.17 15.87
CA GLU B 24 16.07 12.65 15.05
C GLU B 24 17.44 12.42 15.69
N ALA B 25 17.53 12.64 16.99
CA ALA B 25 18.74 12.47 17.74
C ALA B 25 19.14 10.99 17.71
N LEU B 26 18.20 10.09 17.95
CA LEU B 26 18.46 8.66 17.84
C LEU B 26 18.85 8.25 16.41
N ALA B 27 18.10 8.69 15.39
CA ALA B 27 18.40 8.31 14.02
C ALA B 27 19.78 8.77 13.59
N LEU B 28 20.22 9.93 14.06
CA LEU B 28 21.53 10.45 13.65
C LEU B 28 22.61 9.57 14.27
N ARG B 29 22.43 9.22 15.53
CA ARG B 29 23.36 8.29 16.17
C ARG B 29 23.41 6.96 15.43
N LEU B 30 22.26 6.43 15.10
CA LEU B 30 22.20 5.15 14.39
C LEU B 30 22.80 5.22 12.98
N LEU B 31 22.65 6.35 12.29
CA LEU B 31 23.28 6.53 10.99
C LEU B 31 24.83 6.48 11.05
N PHE B 32 25.37 7.18 12.02
CA PHE B 32 26.80 7.29 12.21
C PHE B 32 27.41 5.99 12.69
N GLU B 33 26.67 5.31 13.57
CA GLU B 33 27.02 3.93 13.94
C GLU B 33 27.06 3.04 12.72
N ASP B 34 26.06 3.17 11.88
CA ASP B 34 25.97 2.34 10.67
C ASP B 34 27.19 2.54 9.77
N GLN B 35 27.60 3.81 9.61
CA GLN B 35 28.65 4.20 8.70
C GLN B 35 30.02 4.08 9.34
N ASN B 36 30.07 3.79 10.63
CA ASN B 36 31.29 3.66 11.33
C ASN B 36 32.07 4.94 11.32
N ILE B 37 31.40 6.07 11.50
CA ILE B 37 32.05 7.33 11.56
C ILE B 37 31.77 7.90 12.92
N PRO B 38 32.83 8.25 13.66
CA PRO B 38 32.59 8.90 14.95
C PRO B 38 31.80 10.16 14.85
N LEU B 39 30.79 10.31 15.72
CA LEU B 39 29.92 11.47 15.69
C LEU B 39 30.26 12.34 16.88
N THR B 40 30.77 13.56 16.63
CA THR B 40 31.21 14.40 17.74
C THR B 40 30.19 15.49 18.05
N ASN B 41 30.31 16.08 19.21
CA ASN B 41 29.42 17.20 19.56
C ASN B 41 29.51 18.39 18.58
N ASP B 42 30.71 18.75 18.15
CA ASP B 42 30.89 19.79 17.13
C ASP B 42 30.18 19.38 15.83
N MET B 43 30.30 18.13 15.43
CA MET B 43 29.60 17.65 14.24
C MET B 43 28.08 17.78 14.38
N LYS B 44 27.54 17.42 15.55
CA LYS B 44 26.12 17.59 15.77
C LYS B 44 25.70 19.05 15.66
N ALA B 45 26.48 19.95 16.25
CA ALA B 45 26.18 21.39 16.14
C ALA B 45 26.19 21.90 14.67
N GLN B 46 27.20 21.51 13.94
CA GLN B 46 27.34 21.95 12.55
C GLN B 46 26.21 21.33 11.74
N TYR B 47 25.84 20.08 12.01
CA TYR B 47 24.73 19.50 11.32
C TYR B 47 23.42 20.28 11.52
N LYS B 48 23.17 20.68 12.76
CA LYS B 48 21.97 21.45 13.06
C LYS B 48 21.95 22.72 12.18
N THR B 49 23.06 23.43 12.13
CA THR B 49 23.13 24.67 11.32
C THR B 49 22.95 24.40 9.81
N ILE B 50 23.62 23.37 9.29
CA ILE B 50 23.44 22.91 7.90
C ILE B 50 21.99 22.58 7.59
N ASN B 51 21.38 21.74 8.42
CA ASN B 51 20.04 21.30 8.19
C ASN B 51 19.10 22.52 8.21
N GLN B 52 19.24 23.38 9.21
CA GLN B 52 18.37 24.56 9.26
C GLN B 52 18.53 25.48 8.03
N GLY B 53 19.76 25.62 7.59
CA GLY B 53 20.04 26.50 6.46
C GLY B 53 19.42 25.90 5.20
N LEU B 54 19.42 24.57 5.10
CA LEU B 54 18.87 23.95 3.88
C LEU B 54 17.34 24.10 3.85
N TRP B 55 16.68 23.83 4.96
CA TRP B 55 15.22 24.05 5.04
C TRP B 55 14.83 25.51 4.79
N ARG B 56 15.63 26.45 5.26
CA ARG B 56 15.44 27.89 4.95
C ARG B 56 15.51 28.14 3.46
N ALA B 57 16.51 27.56 2.80
CA ALA B 57 16.63 27.66 1.34
C ALA B 57 15.40 27.09 0.63
N PHE B 58 14.91 25.96 1.14
CA PHE B 58 13.69 25.38 0.61
C PHE B 58 12.51 26.35 0.83
N GLU B 59 12.36 26.86 2.04
CA GLU B 59 11.24 27.75 2.38
C GLU B 59 11.26 29.03 1.58
N GLU B 60 12.47 29.50 1.21
CA GLU B 60 12.65 30.69 0.35
C GLU B 60 12.63 30.42 -1.16
N GLY B 61 12.33 29.19 -1.55
CA GLY B 61 12.07 28.86 -2.92
C GLY B 61 13.27 28.56 -3.77
N LYS B 62 14.45 28.34 -3.15
CA LYS B 62 15.72 28.20 -3.85
C LYS B 62 16.23 26.78 -4.10
N MET B 63 15.62 25.82 -3.42
CA MET B 63 16.04 24.42 -3.39
C MET B 63 14.76 23.56 -3.24
N THR B 64 14.73 22.42 -3.91
CA THR B 64 13.74 21.39 -3.65
C THR B 64 13.96 20.67 -2.30
N ARG B 65 12.86 20.11 -1.80
CA ARG B 65 12.89 19.29 -0.60
C ARG B 65 13.83 18.13 -0.78
N ASP B 66 13.82 17.53 -1.97
CA ASP B 66 14.67 16.38 -2.25
CA ASP B 66 14.69 16.42 -2.38
C ASP B 66 16.17 16.77 -2.12
N GLU B 67 16.51 17.99 -2.51
CA GLU B 67 17.89 18.44 -2.37
C GLU B 67 18.25 18.64 -0.90
N VAL B 68 17.36 19.26 -0.15
CA VAL B 68 17.60 19.41 1.28
C VAL B 68 17.99 18.08 1.92
N VAL B 69 17.11 17.09 1.81
CA VAL B 69 17.32 15.88 2.58
C VAL B 69 18.46 15.01 2.03
N ASN B 70 18.69 15.05 0.73
CA ASN B 70 19.73 14.25 0.10
C ASN B 70 21.10 14.91 0.00
N THR B 71 21.23 16.13 0.46
CA THR B 71 22.54 16.75 0.59
C THR B 71 22.97 17.11 2.04
N ARG B 72 22.05 17.14 3.00
CA ARG B 72 22.41 17.59 4.34
C ARG B 72 23.54 16.73 4.94
N PHE B 73 23.50 15.41 4.75
CA PHE B 73 24.49 14.56 5.37
C PHE B 73 25.82 14.51 4.60
N SER B 74 25.79 14.47 3.27
CA SER B 74 27.04 14.59 2.49
C SER B 74 27.72 15.96 2.68
N ALA B 75 26.95 17.02 2.82
CA ALA B 75 27.52 18.37 2.99
C ALA B 75 28.20 18.42 4.36
N LEU B 76 27.58 17.80 5.36
CA LEU B 76 28.16 17.75 6.70
C LEU B 76 29.46 17.00 6.64
N LEU B 77 29.42 15.80 6.06
CA LEU B 77 30.58 14.93 6.08
C LEU B 77 31.77 15.54 5.29
N LYS B 78 31.49 16.33 4.24
CA LYS B 78 32.58 16.91 3.46
C LYS B 78 33.41 17.89 4.28
N GLU B 79 32.77 18.58 5.20
CA GLU B 79 33.48 19.47 6.08
C GLU B 79 34.48 18.78 6.99
N TYR B 80 34.34 17.46 7.18
CA TYR B 80 35.16 16.68 8.09
C TYR B 80 36.03 15.73 7.33
N GLY B 81 36.12 15.92 6.01
CA GLY B 81 37.01 15.16 5.16
C GLY B 81 36.51 13.78 4.75
N TYR B 82 35.20 13.55 4.85
CA TYR B 82 34.65 12.25 4.43
C TYR B 82 33.88 12.49 3.15
N GLU B 83 34.10 11.65 2.16
CA GLU B 83 33.25 11.65 0.98
C GLU B 83 32.14 10.61 1.15
N ALA B 84 30.90 11.01 0.91
CA ALA B 84 29.80 10.05 0.95
C ALA B 84 28.59 10.50 0.09
N ASP B 85 27.69 9.56 -0.18
CA ASP B 85 26.56 9.80 -1.06
C ASP B 85 25.44 10.28 -0.16
N GLY B 86 25.04 11.54 -0.33
CA GLY B 86 23.94 12.16 0.43
C GLY B 86 22.60 11.40 0.43
N ALA B 87 22.34 10.74 -0.68
CA ALA B 87 21.10 10.06 -0.93
C ALA B 87 21.11 8.70 -0.22
N LEU B 88 22.25 8.01 -0.22
CA LEU B 88 22.44 6.81 0.59
C LEU B 88 22.30 7.11 2.07
N LEU B 89 22.97 8.14 2.56
CA LEU B 89 22.86 8.54 3.94
C LEU B 89 21.46 8.90 4.35
N GLU B 90 20.78 9.73 3.55
CA GLU B 90 19.38 10.06 3.80
C GLU B 90 18.46 8.80 3.78
N GLN B 91 18.69 7.90 2.85
CA GLN B 91 17.90 6.68 2.78
C GLN B 91 18.07 5.83 4.05
N LYS B 92 19.29 5.74 4.58
CA LYS B 92 19.54 5.04 5.85
C LYS B 92 18.93 5.79 7.03
N TYR B 93 19.14 7.10 7.05
CA TYR B 93 18.57 7.95 8.07
C TYR B 93 17.04 7.83 8.20
N ARG B 94 16.35 7.90 7.07
CA ARG B 94 14.91 7.94 7.07
C ARG B 94 14.34 6.59 7.54
N ARG B 95 15.09 5.51 7.37
CA ARG B 95 14.67 4.23 7.88
C ARG B 95 14.93 4.14 9.36
N PHE B 96 16.03 4.71 9.83
CA PHE B 96 16.28 4.77 11.26
C PHE B 96 15.27 5.65 12.01
N LEU B 97 14.63 6.59 11.35
CA LEU B 97 13.55 7.34 11.96
C LEU B 97 12.40 6.45 12.42
N GLU B 98 12.25 5.28 11.77
CA GLU B 98 11.28 4.26 12.17
C GLU B 98 11.44 3.84 13.63
N GLU B 99 12.62 3.99 14.18
CA GLU B 99 12.91 3.42 15.51
C GLU B 99 12.52 4.36 16.63
N GLY B 100 12.18 5.60 16.27
CA GLY B 100 11.91 6.62 17.22
C GLY B 100 10.45 6.69 17.58
N HIS B 101 10.09 6.24 18.79
CA HIS B 101 8.68 6.25 19.20
C HIS B 101 8.51 6.84 20.58
N GLN B 102 9.42 7.74 20.98
CA GLN B 102 9.23 8.45 22.25
C GLN B 102 8.06 9.41 22.17
N LEU B 103 7.37 9.54 23.29
CA LEU B 103 6.21 10.43 23.40
C LEU B 103 6.56 11.80 23.98
N ILE B 104 5.77 12.80 23.59
CA ILE B 104 5.80 14.08 24.24
C ILE B 104 5.29 13.87 25.65
N ASP B 105 5.81 14.65 26.62
CA ASP B 105 5.39 14.48 28.01
C ASP B 105 3.87 14.59 28.19
N GLY B 106 3.30 13.55 28.80
CA GLY B 106 1.90 13.47 29.13
C GLY B 106 1.01 13.05 27.98
N ALA B 107 1.57 12.65 26.83
CA ALA B 107 0.76 12.31 25.64
C ALA B 107 -0.09 11.05 25.82
N PHE B 108 0.49 9.98 26.36
CA PHE B 108 -0.25 8.77 26.49
C PHE B 108 -1.52 8.96 27.36
N ASP B 109 -1.35 9.59 28.54
CA ASP B 109 -2.47 9.76 29.47
C ASP B 109 -3.53 10.66 28.88
N LEU B 110 -3.09 11.75 28.26
CA LEU B 110 -3.98 12.69 27.63
C LEU B 110 -4.81 12.04 26.55
N ILE B 111 -4.15 11.33 25.62
CA ILE B 111 -4.85 10.68 24.54
C ILE B 111 -5.82 9.60 25.04
N SER B 112 -5.37 8.81 26.01
CA SER B 112 -6.17 7.77 26.61
C SER B 112 -7.45 8.35 27.23
N ASN B 113 -7.30 9.43 27.98
CA ASN B 113 -8.42 10.11 28.60
C ASN B 113 -9.35 10.71 27.55
N LEU B 114 -8.79 11.35 26.52
CA LEU B 114 -9.61 12.09 25.56
C LEU B 114 -10.39 11.17 24.67
N GLN B 115 -9.88 9.95 24.49
CA GLN B 115 -10.53 8.98 23.63
C GLN B 115 -11.93 8.60 24.16
N GLN B 116 -12.06 8.64 25.47
CA GLN B 116 -13.31 8.31 26.15
C GLN B 116 -14.39 9.36 25.96
N GLN B 117 -14.04 10.56 25.50
CA GLN B 117 -15.01 11.66 25.43
C GLN B 117 -15.05 12.43 24.11
N PHE B 118 -14.09 12.21 23.23
CA PHE B 118 -14.08 12.83 21.91
C PHE B 118 -13.73 11.82 20.81
N ASP B 119 -13.99 12.15 19.56
CA ASP B 119 -13.49 11.31 18.46
C ASP B 119 -12.14 11.84 18.03
N LEU B 120 -11.11 10.98 18.08
CA LEU B 120 -9.72 11.45 17.82
C LEU B 120 -9.22 11.02 16.45
N TYR B 121 -8.57 11.93 15.73
CA TYR B 121 -7.95 11.65 14.47
C TYR B 121 -6.52 12.17 14.44
N ILE B 122 -5.72 11.57 13.57
CA ILE B 122 -4.34 12.00 13.38
C ILE B 122 -4.26 12.69 12.02
N VAL B 123 -3.61 13.83 11.98
CA VAL B 123 -3.32 14.49 10.73
C VAL B 123 -1.85 14.76 10.72
N THR B 124 -1.09 14.12 9.82
CA THR B 124 0.41 14.16 9.84
C THR B 124 1.03 14.18 8.41
N ASN B 125 1.98 15.10 8.18
CA ASN B 125 2.85 15.08 7.00
C ASN B 125 4.04 14.12 7.24
N GLY B 126 4.17 13.11 6.37
CA GLY B 126 5.27 12.15 6.50
C GLY B 126 5.09 10.92 5.63
N VAL B 127 5.89 9.88 5.91
CA VAL B 127 5.85 8.64 5.19
C VAL B 127 4.91 7.71 5.90
N SER B 128 4.05 7.08 5.13
CA SER B 128 3.02 6.24 5.71
C SER B 128 3.57 5.13 6.60
N HIS B 129 4.47 4.32 6.06
CA HIS B 129 4.99 3.24 6.89
C HIS B 129 5.65 3.73 8.18
N THR B 130 6.43 4.81 8.06
CA THR B 130 7.16 5.38 9.22
C THR B 130 6.19 5.84 10.30
N GLN B 131 5.15 6.55 9.89
CA GLN B 131 4.23 7.13 10.86
C GLN B 131 3.39 6.07 11.55
N TYR B 132 2.88 5.09 10.80
CA TYR B 132 2.11 4.00 11.42
C TYR B 132 2.91 3.18 12.39
N LYS B 133 4.15 2.80 12.00
CA LYS B 133 5.02 2.05 12.88
C LYS B 133 5.30 2.73 14.19
N ARG B 134 5.66 4.00 14.09
CA ARG B 134 5.92 4.84 15.25
C ARG B 134 4.66 4.99 16.13
N LEU B 135 3.50 5.16 15.50
CA LEU B 135 2.26 5.29 16.27
C LEU B 135 1.92 4.00 17.01
N ARG B 136 2.13 2.85 16.33
CA ARG B 136 1.93 1.56 16.96
C ARG B 136 2.93 1.30 18.06
N ASP B 137 4.23 1.50 17.77
CA ASP B 137 5.26 1.23 18.74
C ASP B 137 5.15 2.14 19.95
N SER B 138 4.61 3.35 19.76
CA SER B 138 4.46 4.28 20.90
C SER B 138 3.25 3.94 21.77
N GLY B 139 2.38 3.04 21.30
CA GLY B 139 1.13 2.64 21.99
C GLY B 139 -0.06 3.56 21.75
N LEU B 140 0.09 4.59 20.91
CA LEU B 140 -0.98 5.56 20.67
C LEU B 140 -1.98 5.15 19.61
N PHE B 141 -1.56 4.30 18.68
CA PHE B 141 -2.36 3.92 17.54
C PHE B 141 -3.84 3.55 17.87
N PRO B 142 -4.11 2.65 18.83
CA PRO B 142 -5.51 2.20 18.98
C PRO B 142 -6.49 3.25 19.49
N PHE B 143 -6.03 4.44 19.92
CA PHE B 143 -6.95 5.43 20.48
C PHE B 143 -7.60 6.28 19.38
N PHE B 144 -7.19 6.11 18.14
CA PHE B 144 -7.67 6.98 17.06
C PHE B 144 -8.62 6.26 16.16
N LYS B 145 -9.71 6.95 15.85
CA LYS B 145 -10.71 6.52 14.87
C LYS B 145 -10.07 6.30 13.51
N ASP B 146 -9.27 7.27 13.09
CA ASP B 146 -8.60 7.18 11.82
C ASP B 146 -7.35 8.06 11.83
N ILE B 147 -6.52 7.82 10.83
CA ILE B 147 -5.15 8.35 10.75
C ILE B 147 -4.89 8.75 9.29
N PHE B 148 -4.54 9.99 9.06
CA PHE B 148 -4.35 10.55 7.71
C PHE B 148 -2.94 11.04 7.51
N VAL B 149 -2.11 10.12 6.99
CA VAL B 149 -0.75 10.44 6.65
C VAL B 149 -0.74 11.06 5.23
N SER B 150 -0.07 12.19 5.11
CA SER B 150 -0.08 12.96 3.86
C SER B 150 0.20 12.07 2.64
N GLU B 151 1.22 11.21 2.75
CA GLU B 151 1.60 10.32 1.66
C GLU B 151 0.44 9.49 1.10
N ASP B 152 -0.48 9.06 1.97
CA ASP B 152 -1.62 8.24 1.57
C ASP B 152 -2.75 9.03 0.89
N THR B 153 -2.74 10.36 1.00
CA THR B 153 -3.88 11.18 0.59
C THR B 153 -3.64 11.83 -0.76
N GLY B 154 -2.39 11.87 -1.20
CA GLY B 154 -2.04 12.61 -2.42
C GLY B 154 -1.76 14.09 -2.18
N PHE B 155 -1.98 14.58 -0.96
CA PHE B 155 -1.72 15.98 -0.61
C PHE B 155 -0.98 16.07 0.75
N GLN B 156 -0.83 17.28 1.27
CA GLN B 156 -0.21 17.49 2.56
C GLN B 156 -0.70 18.79 3.18
N LYS B 157 -0.64 18.83 4.52
CA LYS B 157 -0.87 20.03 5.28
C LYS B 157 0.12 21.12 4.78
N PRO B 158 -0.33 22.38 4.62
CA PRO B 158 -1.59 23.02 4.96
C PRO B 158 -2.69 23.09 3.85
N MET B 159 -2.53 22.29 2.80
CA MET B 159 -3.33 22.38 1.56
C MET B 159 -4.79 22.10 1.84
N LYS B 160 -5.67 22.94 1.30
CA LYS B 160 -7.11 22.75 1.43
C LYS B 160 -7.52 21.32 0.98
N GLU B 161 -6.84 20.82 -0.03
CA GLU B 161 -7.18 19.51 -0.56
C GLU B 161 -6.80 18.40 0.42
N TYR B 162 -5.78 18.62 1.25
CA TYR B 162 -5.49 17.67 2.31
C TYR B 162 -6.68 17.62 3.25
N PHE B 163 -7.11 18.79 3.75
CA PHE B 163 -8.15 18.86 4.76
C PHE B 163 -9.50 18.35 4.22
N ASN B 164 -9.75 18.64 2.96
CA ASN B 164 -10.95 18.08 2.29
C ASN B 164 -10.97 16.56 2.21
N TYR B 165 -9.80 15.97 1.93
CA TYR B 165 -9.61 14.51 1.99
C TYR B 165 -9.92 13.97 3.38
N VAL B 166 -9.45 14.69 4.39
CA VAL B 166 -9.68 14.28 5.78
C VAL B 166 -11.15 14.37 6.15
N PHE B 167 -11.74 15.53 5.87
CA PHE B 167 -13.17 15.81 6.22
C PHE B 167 -14.18 14.87 5.54
N GLU B 168 -13.94 14.48 4.27
CA GLU B 168 -14.74 13.43 3.59
C GLU B 168 -14.82 12.10 4.37
N ARG B 169 -13.81 11.84 5.19
CA ARG B 169 -13.67 10.59 5.93
C ARG B 169 -13.92 10.71 7.42
N ILE B 170 -14.56 11.79 7.85
CA ILE B 170 -14.98 11.88 9.23
C ILE B 170 -16.52 11.85 9.24
N PRO B 171 -17.11 10.78 9.80
CA PRO B 171 -18.57 10.72 9.78
C PRO B 171 -19.21 11.89 10.57
N GLN B 172 -20.23 12.50 9.99
CA GLN B 172 -21.01 13.56 10.67
C GLN B 172 -20.12 14.79 10.93
N PHE B 173 -19.24 15.08 9.97
CA PHE B 173 -18.21 16.11 10.17
C PHE B 173 -18.84 17.48 10.32
N SER B 174 -18.41 18.18 11.35
CA SER B 174 -18.84 19.54 11.66
C SER B 174 -17.60 20.38 12.02
N ALA B 175 -17.18 21.24 11.10
CA ALA B 175 -16.00 22.08 11.26
C ALA B 175 -16.09 22.89 12.57
N GLU B 176 -17.30 23.36 12.88
CA GLU B 176 -17.57 24.16 14.06
C GLU B 176 -17.25 23.42 15.35
N HIS B 177 -17.39 22.11 15.31
CA HIS B 177 -17.18 21.23 16.46
C HIS B 177 -15.83 20.41 16.40
N THR B 178 -14.87 20.91 15.63
CA THR B 178 -13.58 20.26 15.41
C THR B 178 -12.43 21.23 15.81
N LEU B 179 -11.41 20.69 16.46
CA LEU B 179 -10.25 21.46 16.85
C LEU B 179 -9.01 20.74 16.35
N ILE B 180 -8.08 21.47 15.73
CA ILE B 180 -6.78 20.93 15.38
C ILE B 180 -5.76 21.42 16.38
N ILE B 181 -4.93 20.47 16.85
CA ILE B 181 -3.90 20.66 17.86
C ILE B 181 -2.59 20.28 17.23
N GLY B 182 -1.72 21.26 17.06
CA GLY B 182 -0.38 21.03 16.51
C GLY B 182 0.67 22.07 16.80
N ASP B 183 1.93 21.77 16.47
CA ASP B 183 3.03 22.63 16.83
C ASP B 183 3.46 23.57 15.72
N SER B 184 3.00 23.33 14.49
CA SER B 184 3.48 24.09 13.34
C SER B 184 2.49 25.19 12.99
N LEU B 185 2.96 26.44 13.08
CA LEU B 185 2.17 27.59 12.68
C LEU B 185 1.73 27.48 11.23
N THR B 186 2.59 26.99 10.37
CA THR B 186 2.25 26.92 8.94
C THR B 186 1.46 25.67 8.58
N ALA B 187 1.84 24.50 9.10
CA ALA B 187 1.16 23.25 8.68
C ALA B 187 -0.18 23.01 9.40
N ASP B 188 -0.20 23.21 10.72
CA ASP B 188 -1.35 22.91 11.57
C ASP B 188 -2.29 24.11 11.76
N ILE B 189 -1.73 25.23 12.21
CA ILE B 189 -2.52 26.39 12.53
C ILE B 189 -3.05 27.08 11.25
N LYS B 190 -2.18 27.41 10.30
CA LYS B 190 -2.65 28.05 9.05
C LYS B 190 -3.56 27.11 8.28
N GLY B 191 -3.14 25.84 8.21
CA GLY B 191 -3.94 24.78 7.57
C GLY B 191 -5.33 24.68 8.16
N GLY B 192 -5.40 24.62 9.49
CA GLY B 192 -6.69 24.51 10.19
C GLY B 192 -7.58 25.72 9.90
N GLN B 193 -6.98 26.90 10.01
CA GLN B 193 -7.67 28.16 9.85
C GLN B 193 -8.32 28.23 8.47
N LEU B 194 -7.54 27.95 7.43
CA LEU B 194 -8.04 28.04 6.07
C LEU B 194 -9.13 27.05 5.86
N ALA B 195 -9.10 25.93 6.54
CA ALA B 195 -10.14 24.93 6.32
C ALA B 195 -11.30 25.11 7.30
N GLY B 196 -11.36 26.27 7.96
CA GLY B 196 -12.47 26.63 8.83
C GLY B 196 -12.50 26.03 10.23
N LEU B 197 -11.36 25.60 10.76
CA LEU B 197 -11.33 25.00 12.10
C LEU B 197 -10.77 25.96 13.16
N ASP B 198 -11.20 25.83 14.39
CA ASP B 198 -10.44 26.35 15.53
C ASP B 198 -9.11 25.58 15.67
N THR B 199 -8.11 26.28 16.20
CA THR B 199 -6.74 25.77 16.24
C THR B 199 -6.11 25.99 17.63
N CYS B 200 -5.32 24.99 18.08
CA CYS B 200 -4.59 25.06 19.32
C CYS B 200 -3.11 24.82 19.03
N TRP B 201 -2.29 25.84 19.30
CA TRP B 201 -0.86 25.82 18.98
C TRP B 201 -0.07 25.30 20.17
N MET B 202 0.56 24.16 19.96
CA MET B 202 1.36 23.53 21.00
C MET B 202 2.69 24.17 20.92
N ASN B 203 3.02 25.01 21.89
CA ASN B 203 4.21 25.87 21.81
C ASN B 203 4.95 25.88 23.17
N PRO B 204 5.53 24.73 23.55
CA PRO B 204 6.22 24.63 24.85
C PRO B 204 7.45 25.56 25.04
N ASP B 205 8.14 25.90 23.96
CA ASP B 205 9.37 26.71 24.05
C ASP B 205 9.06 28.18 23.84
N MET B 206 7.76 28.56 23.83
CA MET B 206 7.37 29.95 23.76
C MET B 206 8.03 30.66 22.57
N LYS B 207 8.02 29.99 21.42
CA LYS B 207 8.42 30.63 20.21
C LYS B 207 7.52 31.81 19.97
N PRO B 208 8.09 32.92 19.50
CA PRO B 208 7.25 34.05 19.17
C PRO B 208 6.48 33.72 17.92
N ASN B 209 5.29 34.29 17.79
CA ASN B 209 4.48 34.08 16.61
C ASN B 209 4.88 35.11 15.58
N VAL B 210 6.08 34.93 15.00
CA VAL B 210 6.64 35.86 13.99
C VAL B 210 5.67 36.09 12.82
N PRO B 211 5.21 35.01 12.15
CA PRO B 211 4.32 35.26 11.01
C PRO B 211 2.89 35.68 11.38
N GLU B 212 2.61 35.88 12.67
CA GLU B 212 1.28 36.38 13.10
C GLU B 212 0.13 35.56 12.51
N ILE B 213 0.30 34.23 12.59
CA ILE B 213 -0.75 33.28 12.25
C ILE B 213 -1.35 32.99 13.60
N ILE B 214 -2.49 33.61 13.88
CA ILE B 214 -3.00 33.61 15.27
C ILE B 214 -3.94 32.48 15.57
N PRO B 215 -3.54 31.57 16.48
CA PRO B 215 -4.37 30.43 16.83
C PRO B 215 -5.53 30.79 17.73
N THR B 216 -6.52 29.90 17.80
CA THR B 216 -7.62 30.08 18.73
C THR B 216 -7.09 29.98 20.17
N TYR B 217 -6.21 29.01 20.41
CA TYR B 217 -5.57 28.79 21.69
C TYR B 217 -4.10 28.51 21.53
N GLU B 218 -3.32 28.81 22.57
CA GLU B 218 -1.88 28.53 22.61
C GLU B 218 -1.59 27.89 23.95
N ILE B 219 -0.85 26.78 23.91
CA ILE B 219 -0.61 26.02 25.11
C ILE B 219 0.88 25.73 25.26
N ARG B 220 1.29 25.48 26.50
CA ARG B 220 2.69 25.15 26.82
C ARG B 220 2.91 23.67 27.05
N LYS B 221 1.86 22.93 27.31
CA LYS B 221 1.97 21.50 27.56
C LYS B 221 0.65 20.84 27.28
N LEU B 222 0.70 19.55 26.99
CA LEU B 222 -0.48 18.86 26.53
C LEU B 222 -1.63 18.87 27.55
N GLU B 223 -1.32 18.81 28.84
CA GLU B 223 -2.38 18.85 29.85
C GLU B 223 -3.19 20.16 29.89
N GLU B 224 -2.68 21.25 29.32
CA GLU B 224 -3.50 22.46 29.22
C GLU B 224 -4.75 22.27 28.34
N LEU B 225 -4.76 21.23 27.54
CA LEU B 225 -5.95 20.91 26.77
C LEU B 225 -7.15 20.52 27.60
N TYR B 226 -6.91 19.96 28.77
CA TYR B 226 -8.04 19.62 29.63
C TYR B 226 -8.89 20.84 29.94
N HIS B 227 -8.23 21.96 30.17
CA HIS B 227 -8.95 23.18 30.47
C HIS B 227 -9.68 23.68 29.26
N ILE B 228 -9.02 23.68 28.12
CA ILE B 228 -9.65 24.18 26.89
C ILE B 228 -10.92 23.39 26.59
N LEU B 229 -10.84 22.09 26.79
CA LEU B 229 -11.94 21.17 26.51
C LEU B 229 -12.92 21.07 27.67
N ASN B 230 -12.64 21.81 28.75
CA ASN B 230 -13.51 21.91 29.93
C ASN B 230 -13.84 20.54 30.51
N ILE B 231 -12.79 19.78 30.83
CA ILE B 231 -12.93 18.49 31.48
C ILE B 231 -11.84 18.29 32.55
N GLU B 232 -11.83 17.13 33.21
CA GLU B 232 -10.71 16.74 34.10
C GLU B 232 -10.57 15.20 34.22
N LYS C 4 -1.62 -12.80 3.19
CA LYS C 4 -2.51 -11.60 3.21
C LYS C 4 -3.69 -11.83 4.18
N ARG C 5 -3.82 -10.96 5.19
CA ARG C 5 -4.94 -10.97 6.12
C ARG C 5 -5.87 -9.83 5.71
N TYR C 6 -7.13 -10.17 5.49
CA TYR C 6 -8.19 -9.20 5.22
C TYR C 6 -8.72 -8.69 6.54
N ARG C 7 -9.05 -7.40 6.58
CA ARG C 7 -9.67 -6.76 7.73
C ARG C 7 -11.13 -6.40 7.47
N THR C 8 -11.48 -6.19 6.21
CA THR C 8 -12.76 -5.62 5.78
C THR C 8 -13.37 -6.51 4.70
N LEU C 9 -14.61 -6.92 4.91
CA LEU C 9 -15.36 -7.75 3.98
C LEU C 9 -16.61 -6.98 3.49
N LEU C 10 -16.73 -6.80 2.16
CA LEU C 10 -17.92 -6.14 1.58
C LEU C 10 -18.81 -7.25 1.02
N PHE C 11 -20.04 -7.35 1.49
CA PHE C 11 -20.95 -8.39 1.01
C PHE C 11 -22.06 -7.77 0.17
N ASP C 12 -22.26 -8.31 -1.03
CA ASP C 12 -23.52 -8.15 -1.72
C ASP C 12 -24.65 -8.79 -0.92
N VAL C 13 -25.89 -8.36 -1.16
CA VAL C 13 -27.04 -8.97 -0.55
C VAL C 13 -27.70 -10.05 -1.41
N ASP C 14 -28.29 -9.63 -2.54
CA ASP C 14 -29.17 -10.50 -3.30
C ASP C 14 -28.43 -11.55 -4.07
N ASP C 15 -28.77 -12.80 -3.69
CA ASP C 15 -28.13 -14.04 -4.18
C ASP C 15 -26.68 -14.17 -3.77
N THR C 16 -26.36 -13.51 -2.67
CA THR C 16 -25.11 -13.74 -1.98
C THR C 16 -25.36 -14.15 -0.55
N ILE C 17 -26.06 -13.31 0.23
CA ILE C 17 -26.47 -13.72 1.57
C ILE C 17 -28.01 -13.84 1.76
N LEU C 18 -28.78 -13.10 0.97
CA LEU C 18 -30.23 -13.32 0.95
C LEU C 18 -30.61 -14.04 -0.34
N ASP C 19 -31.58 -14.97 -0.23
CA ASP C 19 -32.04 -15.77 -1.36
C ASP C 19 -33.07 -14.98 -2.18
N PHE C 20 -32.55 -14.24 -3.16
CA PHE C 20 -33.42 -13.39 -3.97
C PHE C 20 -34.29 -14.20 -4.93
N GLN C 21 -33.78 -15.33 -5.39
CA GLN C 21 -34.59 -16.22 -6.22
C GLN C 21 -35.87 -16.65 -5.51
N ALA C 22 -35.76 -16.86 -4.19
CA ALA C 22 -36.88 -17.22 -3.32
C ALA C 22 -37.82 -16.03 -3.13
N ALA C 23 -37.25 -14.83 -2.93
CA ALA C 23 -38.04 -13.65 -2.73
C ALA C 23 -38.75 -13.27 -4.04
N GLU C 24 -38.04 -13.37 -5.16
CA GLU C 24 -38.68 -13.20 -6.47
C GLU C 24 -39.86 -14.15 -6.72
N ALA C 25 -39.67 -15.43 -6.40
CA ALA C 25 -40.70 -16.46 -6.66
C ALA C 25 -41.97 -16.11 -5.88
N LEU C 26 -41.78 -15.69 -4.62
CA LEU C 26 -42.85 -15.27 -3.74
C LEU C 26 -43.52 -14.00 -4.26
N ALA C 27 -42.73 -12.95 -4.53
CA ALA C 27 -43.29 -11.70 -4.98
C ALA C 27 -44.01 -11.83 -6.33
N LEU C 28 -43.50 -12.67 -7.25
CA LEU C 28 -44.22 -12.94 -8.50
C LEU C 28 -45.61 -13.55 -8.24
N ARG C 29 -45.66 -14.62 -7.46
CA ARG C 29 -47.00 -15.16 -7.04
C ARG C 29 -47.90 -14.12 -6.45
N LEU C 30 -47.38 -13.30 -5.53
CA LEU C 30 -48.18 -12.32 -4.87
C LEU C 30 -48.69 -11.26 -5.84
N LEU C 31 -47.90 -10.89 -6.83
CA LEU C 31 -48.32 -9.90 -7.83
C LEU C 31 -49.48 -10.45 -8.68
N PHE C 32 -49.34 -11.68 -9.12
CA PHE C 32 -50.33 -12.26 -10.00
C PHE C 32 -51.62 -12.57 -9.25
N GLU C 33 -51.53 -12.96 -7.97
CA GLU C 33 -52.73 -13.10 -7.11
C GLU C 33 -53.41 -11.77 -7.01
N ASP C 34 -52.62 -10.73 -6.76
CA ASP C 34 -53.14 -9.40 -6.61
C ASP C 34 -53.89 -8.98 -7.87
N GLN C 35 -53.33 -9.27 -9.02
CA GLN C 35 -53.93 -8.89 -10.31
C GLN C 35 -54.97 -9.88 -10.87
N ASN C 36 -55.20 -10.98 -10.15
CA ASN C 36 -56.06 -12.08 -10.61
C ASN C 36 -55.73 -12.57 -11.99
N ILE C 37 -54.45 -12.79 -12.25
CA ILE C 37 -54.00 -13.38 -13.50
C ILE C 37 -53.34 -14.70 -13.18
N PRO C 38 -53.81 -15.78 -13.78
CA PRO C 38 -53.13 -17.05 -13.54
C PRO C 38 -51.66 -17.00 -13.94
N LEU C 39 -50.77 -17.49 -13.06
CA LEU C 39 -49.34 -17.55 -13.32
C LEU C 39 -48.90 -18.97 -13.60
N THR C 40 -48.43 -19.21 -14.80
CA THR C 40 -48.01 -20.55 -15.18
C THR C 40 -46.50 -20.73 -15.04
N ASN C 41 -46.05 -21.98 -15.00
CA ASN C 41 -44.62 -22.23 -15.03
C ASN C 41 -43.87 -21.60 -16.25
N ASP C 42 -44.46 -21.73 -17.43
CA ASP C 42 -43.95 -21.07 -18.65
C ASP C 42 -43.85 -19.54 -18.44
N MET C 43 -44.85 -18.93 -17.85
CA MET C 43 -44.82 -17.47 -17.65
C MET C 43 -43.62 -17.02 -16.78
N LYS C 44 -43.36 -17.81 -15.73
CA LYS C 44 -42.15 -17.62 -14.91
C LYS C 44 -40.84 -17.74 -15.68
N ALA C 45 -40.70 -18.75 -16.52
CA ALA C 45 -39.53 -18.90 -17.35
C ALA C 45 -39.39 -17.72 -18.30
N GLN C 46 -40.50 -17.22 -18.85
CA GLN C 46 -40.39 -16.09 -19.76
C GLN C 46 -40.07 -14.82 -19.01
N TYR C 47 -40.61 -14.66 -17.80
CA TYR C 47 -40.29 -13.53 -17.00
C TYR C 47 -38.79 -13.51 -16.76
N LYS C 48 -38.25 -14.62 -16.34
CA LYS C 48 -36.81 -14.69 -16.12
C LYS C 48 -36.04 -14.23 -17.36
N THR C 49 -36.40 -14.78 -18.52
CA THR C 49 -35.67 -14.48 -19.78
C THR C 49 -35.82 -13.00 -20.16
N ILE C 50 -37.00 -12.44 -19.99
CA ILE C 50 -37.24 -11.04 -20.30
C ILE C 50 -36.46 -10.13 -19.35
N ASN C 51 -36.61 -10.39 -18.05
CA ASN C 51 -35.93 -9.60 -17.01
C ASN C 51 -34.42 -9.56 -17.25
N GLN C 52 -33.81 -10.73 -17.43
CA GLN C 52 -32.38 -10.84 -17.68
C GLN C 52 -32.01 -10.05 -18.92
N GLY C 53 -32.81 -10.20 -19.97
CA GLY C 53 -32.64 -9.48 -21.22
C GLY C 53 -32.59 -7.99 -21.02
N LEU C 54 -33.56 -7.45 -20.26
CA LEU C 54 -33.67 -6.04 -19.99
C LEU C 54 -32.44 -5.51 -19.19
N TRP C 55 -32.08 -6.24 -18.11
CA TRP C 55 -30.85 -5.91 -17.34
C TRP C 55 -29.59 -5.93 -18.22
N ARG C 56 -29.51 -6.84 -19.19
CA ARG C 56 -28.42 -6.85 -20.13
C ARG C 56 -28.40 -5.58 -21.02
N ALA C 57 -29.56 -5.17 -21.52
CA ALA C 57 -29.71 -3.91 -22.27
C ALA C 57 -29.29 -2.69 -21.42
N PHE C 58 -29.69 -2.69 -20.15
CA PHE C 58 -29.19 -1.71 -19.21
C PHE C 58 -27.65 -1.77 -19.12
N GLU C 59 -27.09 -2.96 -18.96
CA GLU C 59 -25.63 -3.10 -18.85
C GLU C 59 -24.85 -2.50 -20.06
N GLU C 60 -25.48 -2.52 -21.24
CA GLU C 60 -24.85 -2.11 -22.49
C GLU C 60 -25.20 -0.69 -22.88
N GLY C 61 -25.85 0.00 -21.97
CA GLY C 61 -26.14 1.42 -22.11
C GLY C 61 -27.22 1.71 -23.12
N LYS C 62 -28.15 0.76 -23.29
CA LYS C 62 -29.19 0.88 -24.30
C LYS C 62 -30.54 1.23 -23.72
N MET C 63 -30.64 1.23 -22.40
CA MET C 63 -31.93 1.33 -21.75
C MET C 63 -31.62 1.91 -20.38
N THR C 64 -32.51 2.75 -19.86
CA THR C 64 -32.45 3.23 -18.48
C THR C 64 -33.01 2.19 -17.46
N ARG C 65 -32.53 2.27 -16.21
CA ARG C 65 -32.98 1.39 -15.14
C ARG C 65 -34.50 1.48 -14.95
N ASP C 66 -35.05 2.68 -15.12
CA ASP C 66 -36.49 2.83 -15.04
C ASP C 66 -37.18 2.05 -16.13
N GLU C 67 -36.64 2.02 -17.34
CA GLU C 67 -37.29 1.21 -18.37
C GLU C 67 -37.26 -0.30 -18.05
N VAL C 68 -36.11 -0.78 -17.59
CA VAL C 68 -35.98 -2.19 -17.20
C VAL C 68 -37.10 -2.58 -16.27
N VAL C 69 -37.27 -1.84 -15.18
CA VAL C 69 -38.19 -2.25 -14.12
C VAL C 69 -39.64 -1.90 -14.37
N ASN C 70 -39.89 -0.80 -15.07
CA ASN C 70 -41.26 -0.45 -15.38
C ASN C 70 -41.79 -1.04 -16.71
N THR C 71 -40.99 -1.78 -17.45
CA THR C 71 -41.56 -2.51 -18.58
C THR C 71 -41.52 -4.03 -18.49
N ARG C 72 -40.72 -4.59 -17.58
CA ARG C 72 -40.63 -6.05 -17.53
C ARG C 72 -42.00 -6.74 -17.43
N PHE C 73 -42.89 -6.23 -16.59
CA PHE C 73 -44.21 -6.87 -16.40
C PHE C 73 -45.21 -6.62 -17.57
N SER C 74 -45.20 -5.42 -18.15
CA SER C 74 -46.02 -5.16 -19.34
C SER C 74 -45.53 -5.97 -20.56
N ALA C 75 -44.22 -6.10 -20.74
CA ALA C 75 -43.68 -6.88 -21.84
C ALA C 75 -44.05 -8.34 -21.66
N LEU C 76 -43.94 -8.85 -20.45
CA LEU C 76 -44.29 -10.26 -20.22
C LEU C 76 -45.77 -10.49 -20.53
N LEU C 77 -46.61 -9.66 -19.94
CA LEU C 77 -48.07 -9.88 -19.95
C LEU C 77 -48.68 -9.69 -21.33
N LYS C 78 -48.06 -8.81 -22.09
CA LYS C 78 -48.38 -8.63 -23.50
C LYS C 78 -48.28 -9.93 -24.33
N GLU C 79 -47.31 -10.77 -24.03
CA GLU C 79 -47.12 -12.02 -24.76
C GLU C 79 -48.22 -13.03 -24.40
N TYR C 80 -48.97 -12.73 -23.38
CA TYR C 80 -50.06 -13.60 -22.94
C TYR C 80 -51.37 -12.90 -23.10
N GLY C 81 -51.38 -11.81 -23.88
CA GLY C 81 -52.62 -11.16 -24.25
C GLY C 81 -53.21 -10.18 -23.24
N TYR C 82 -52.45 -9.82 -22.21
CA TYR C 82 -52.92 -8.79 -21.27
C TYR C 82 -52.27 -7.43 -21.59
N GLU C 83 -53.04 -6.36 -21.52
CA GLU C 83 -52.45 -5.04 -21.63
C GLU C 83 -52.33 -4.52 -20.18
N ALA C 84 -51.10 -4.24 -19.74
CA ALA C 84 -50.82 -3.91 -18.33
C ALA C 84 -50.06 -2.58 -18.19
N ASP C 85 -50.31 -1.88 -17.09
CA ASP C 85 -49.54 -0.69 -16.73
C ASP C 85 -48.25 -1.16 -16.05
N GLY C 86 -47.17 -1.20 -16.80
CA GLY C 86 -45.90 -1.73 -16.31
C GLY C 86 -45.41 -1.09 -15.04
N ALA C 87 -45.55 0.22 -14.96
CA ALA C 87 -45.06 0.98 -13.82
C ALA C 87 -45.85 0.70 -12.54
N LEU C 88 -47.16 0.50 -12.66
CA LEU C 88 -47.99 0.19 -11.51
C LEU C 88 -47.64 -1.20 -11.02
N LEU C 89 -47.52 -2.15 -11.94
CA LEU C 89 -47.18 -3.53 -11.57
C LEU C 89 -45.83 -3.61 -10.85
N GLU C 90 -44.84 -2.88 -11.36
CA GLU C 90 -43.52 -2.84 -10.71
C GLU C 90 -43.62 -2.22 -9.29
N GLN C 91 -44.50 -1.23 -9.09
CA GLN C 91 -44.68 -0.61 -7.78
C GLN C 91 -45.16 -1.68 -6.82
N LYS C 92 -46.11 -2.48 -7.27
CA LYS C 92 -46.70 -3.50 -6.41
C LYS C 92 -45.69 -4.62 -6.13
N TYR C 93 -44.96 -5.01 -7.16
CA TYR C 93 -43.96 -6.07 -7.08
C TYR C 93 -42.91 -5.69 -6.05
N ARG C 94 -42.49 -4.43 -6.05
CA ARG C 94 -41.42 -3.95 -5.15
C ARG C 94 -41.88 -4.04 -3.68
N ARG C 95 -43.15 -3.73 -3.47
CA ARG C 95 -43.79 -3.88 -2.19
C ARG C 95 -43.81 -5.34 -1.74
N PHE C 96 -44.21 -6.24 -2.63
CA PHE C 96 -44.22 -7.64 -2.28
C PHE C 96 -42.81 -8.18 -2.07
N LEU C 97 -41.82 -7.63 -2.77
CA LEU C 97 -40.44 -8.07 -2.54
C LEU C 97 -40.00 -7.88 -1.09
N GLU C 98 -40.53 -6.84 -0.43
CA GLU C 98 -40.22 -6.57 0.99
C GLU C 98 -40.55 -7.74 1.88
N GLU C 99 -41.44 -8.60 1.41
CA GLU C 99 -41.91 -9.79 2.11
C GLU C 99 -40.92 -10.92 2.16
N GLY C 100 -39.98 -10.93 1.22
CA GLY C 100 -39.02 -11.99 1.14
C GLY C 100 -37.73 -11.64 1.87
N HIS C 101 -37.43 -12.42 2.92
CA HIS C 101 -36.19 -12.25 3.69
C HIS C 101 -35.51 -13.56 3.93
N GLN C 102 -35.77 -14.49 3.03
CA GLN C 102 -35.17 -15.80 3.03
C GLN C 102 -33.66 -15.69 2.87
N LEU C 103 -32.94 -16.58 3.56
CA LEU C 103 -31.50 -16.55 3.62
C LEU C 103 -30.85 -17.56 2.72
N ILE C 104 -29.65 -17.26 2.23
CA ILE C 104 -28.83 -18.23 1.57
C ILE C 104 -28.38 -19.27 2.61
N ASP C 105 -28.26 -20.51 2.15
CA ASP C 105 -27.84 -21.65 2.98
C ASP C 105 -26.57 -21.25 3.74
N GLY C 106 -26.65 -21.30 5.06
CA GLY C 106 -25.46 -21.06 5.91
C GLY C 106 -25.04 -19.60 6.13
N ALA C 107 -25.80 -18.64 5.57
CA ALA C 107 -25.49 -17.19 5.72
C ALA C 107 -25.52 -16.66 7.16
N PHE C 108 -26.54 -17.00 7.93
CA PHE C 108 -26.66 -16.45 9.27
C PHE C 108 -25.43 -16.81 10.14
N ASP C 109 -25.07 -18.08 10.15
CA ASP C 109 -23.93 -18.56 10.91
C ASP C 109 -22.62 -18.06 10.37
N LEU C 110 -22.49 -18.00 9.05
CA LEU C 110 -21.28 -17.46 8.46
C LEU C 110 -21.06 -16.03 8.91
N ILE C 111 -22.07 -15.19 8.73
CA ILE C 111 -21.98 -13.76 9.02
C ILE C 111 -21.77 -13.50 10.52
N SER C 112 -22.44 -14.29 11.35
CA SER C 112 -22.33 -14.18 12.81
C SER C 112 -20.92 -14.54 13.25
N ASN C 113 -20.35 -15.59 12.65
CA ASN C 113 -18.94 -15.92 12.87
C ASN C 113 -17.93 -14.87 12.37
N LEU C 114 -18.08 -14.42 11.11
CA LEU C 114 -17.15 -13.46 10.57
C LEU C 114 -17.19 -12.10 11.26
N GLN C 115 -18.33 -11.69 11.80
CA GLN C 115 -18.44 -10.40 12.49
C GLN C 115 -17.49 -10.32 13.69
N GLN C 116 -17.27 -11.45 14.36
CA GLN C 116 -16.31 -11.57 15.47
C GLN C 116 -14.85 -11.32 15.08
N GLN C 117 -14.51 -11.32 13.79
CA GLN C 117 -13.13 -11.23 13.39
C GLN C 117 -12.80 -10.29 12.23
N PHE C 118 -13.81 -9.65 11.66
CA PHE C 118 -13.63 -8.80 10.50
C PHE C 118 -14.65 -7.70 10.63
N ASP C 119 -14.42 -6.58 9.98
CA ASP C 119 -15.44 -5.54 9.89
C ASP C 119 -16.28 -5.78 8.65
N LEU C 120 -17.59 -5.80 8.81
CA LEU C 120 -18.47 -6.27 7.74
C LEU C 120 -19.31 -5.11 7.27
N TYR C 121 -19.41 -4.98 5.96
CA TYR C 121 -20.23 -3.99 5.32
C TYR C 121 -21.08 -4.61 4.20
N ILE C 122 -22.26 -4.05 3.96
CA ILE C 122 -23.08 -4.45 2.82
C ILE C 122 -22.92 -3.41 1.68
N VAL C 123 -22.79 -3.94 0.47
CA VAL C 123 -22.78 -3.15 -0.76
C VAL C 123 -23.89 -3.73 -1.67
N THR C 124 -24.97 -2.99 -1.89
CA THR C 124 -26.13 -3.58 -2.58
C THR C 124 -26.86 -2.58 -3.45
N ASN C 125 -27.15 -2.96 -4.69
CA ASN C 125 -28.04 -2.15 -5.54
C ASN C 125 -29.50 -2.46 -5.23
N GLY C 126 -30.27 -1.43 -4.91
CA GLY C 126 -31.73 -1.59 -4.83
C GLY C 126 -32.40 -0.40 -4.23
N VAL C 127 -33.61 -0.63 -3.73
CA VAL C 127 -34.41 0.40 -3.08
C VAL C 127 -34.11 0.38 -1.60
N SER C 128 -33.81 1.53 -1.03
CA SER C 128 -33.36 1.57 0.36
C SER C 128 -34.36 0.99 1.33
N HIS C 129 -35.59 1.48 1.28
CA HIS C 129 -36.63 0.97 2.17
C HIS C 129 -36.71 -0.58 2.09
N THR C 130 -36.67 -1.10 0.89
CA THR C 130 -36.84 -2.52 0.67
C THR C 130 -35.65 -3.33 1.24
N GLN C 131 -34.41 -2.89 0.98
CA GLN C 131 -33.21 -3.64 1.43
C GLN C 131 -33.03 -3.64 2.95
N TYR C 132 -33.28 -2.50 3.59
CA TYR C 132 -33.13 -2.45 5.01
C TYR C 132 -34.14 -3.34 5.71
N LYS C 133 -35.40 -3.27 5.30
CA LYS C 133 -36.45 -4.13 5.89
C LYS C 133 -36.12 -5.60 5.72
N ARG C 134 -35.79 -6.02 4.50
CA ARG C 134 -35.42 -7.42 4.27
C ARG C 134 -34.20 -7.79 5.12
N LEU C 135 -33.24 -6.88 5.27
CA LEU C 135 -32.08 -7.18 6.11
C LEU C 135 -32.47 -7.25 7.59
N ARG C 136 -33.32 -6.35 8.04
CA ARG C 136 -33.80 -6.39 9.42
C ARG C 136 -34.57 -7.66 9.67
N ASP C 137 -35.52 -7.97 8.79
CA ASP C 137 -36.38 -9.15 8.95
C ASP C 137 -35.62 -10.46 8.89
N SER C 138 -34.52 -10.52 8.13
CA SER C 138 -33.70 -11.74 8.04
C SER C 138 -32.85 -11.98 9.28
N GLY C 139 -32.70 -10.97 10.13
CA GLY C 139 -31.78 -11.08 11.29
C GLY C 139 -30.31 -10.76 11.01
N LEU C 140 -29.97 -10.34 9.78
CA LEU C 140 -28.57 -10.04 9.41
C LEU C 140 -28.15 -8.61 9.71
N PHE C 141 -29.10 -7.69 9.72
CA PHE C 141 -28.81 -6.25 9.85
C PHE C 141 -27.74 -5.87 10.91
N PRO C 142 -27.90 -6.33 12.17
CA PRO C 142 -27.01 -5.85 13.24
C PRO C 142 -25.54 -6.29 13.16
N PHE C 143 -25.22 -7.29 12.34
CA PHE C 143 -23.84 -7.78 12.20
C PHE C 143 -22.94 -6.88 11.34
N PHE C 144 -23.53 -5.91 10.63
CA PHE C 144 -22.76 -5.07 9.72
C PHE C 144 -22.46 -3.68 10.30
N LYS C 145 -21.20 -3.27 10.16
CA LYS C 145 -20.76 -1.94 10.59
C LYS C 145 -21.55 -0.84 9.89
N ASP C 146 -21.80 -1.02 8.60
CA ASP C 146 -22.59 -0.09 7.84
C ASP C 146 -23.15 -0.78 6.59
N ILE C 147 -24.19 -0.18 6.01
CA ILE C 147 -24.93 -0.77 4.88
C ILE C 147 -25.06 0.33 3.79
N PHE C 148 -24.67 -0.01 2.57
CA PHE C 148 -24.59 1.00 1.50
C PHE C 148 -25.53 0.59 0.35
N VAL C 149 -26.79 1.02 0.44
CA VAL C 149 -27.76 0.76 -0.62
C VAL C 149 -27.56 1.84 -1.72
N SER C 150 -27.44 1.39 -2.96
CA SER C 150 -27.21 2.29 -4.08
C SER C 150 -28.09 3.54 -3.99
N GLU C 151 -29.41 3.35 -3.82
CA GLU C 151 -30.35 4.48 -3.81
C GLU C 151 -29.94 5.64 -2.90
N ASP C 152 -29.45 5.33 -1.70
CA ASP C 152 -28.99 6.36 -0.76
C ASP C 152 -27.70 7.08 -1.14
N THR C 153 -26.96 6.56 -2.12
CA THR C 153 -25.66 7.07 -2.47
C THR C 153 -25.65 7.99 -3.69
N GLY C 154 -26.64 7.86 -4.57
CA GLY C 154 -26.65 8.63 -5.78
C GLY C 154 -26.03 7.91 -6.95
N PHE C 155 -25.45 6.71 -6.70
CA PHE C 155 -24.76 5.91 -7.71
C PHE C 155 -25.14 4.44 -7.53
N GLN C 156 -24.57 3.55 -8.32
CA GLN C 156 -24.79 2.08 -8.14
C GLN C 156 -23.60 1.32 -8.59
N LYS C 157 -23.44 0.10 -8.07
CA LYS C 157 -22.41 -0.81 -8.56
C LYS C 157 -22.68 -1.10 -10.02
N PRO C 158 -21.64 -1.25 -10.84
CA PRO C 158 -20.19 -1.27 -10.60
C PRO C 158 -19.44 0.10 -10.64
N MET C 159 -20.17 1.23 -10.54
CA MET C 159 -19.64 2.55 -10.89
C MET C 159 -18.52 2.89 -9.91
N LYS C 160 -17.40 3.35 -10.47
CA LYS C 160 -16.27 3.89 -9.70
C LYS C 160 -16.79 4.82 -8.61
N GLU C 161 -17.75 5.65 -8.95
CA GLU C 161 -18.29 6.60 -8.00
C GLU C 161 -18.97 5.95 -6.82
N TYR C 162 -19.59 4.78 -7.03
CA TYR C 162 -20.29 4.14 -5.92
C TYR C 162 -19.25 3.61 -4.94
N PHE C 163 -18.21 2.97 -5.46
CA PHE C 163 -17.20 2.41 -4.59
C PHE C 163 -16.45 3.51 -3.84
N ASN C 164 -16.12 4.61 -4.52
CA ASN C 164 -15.39 5.71 -3.82
C ASN C 164 -16.24 6.24 -2.68
N TYR C 165 -17.57 6.27 -2.90
CA TYR C 165 -18.48 6.74 -1.90
C TYR C 165 -18.49 5.81 -0.71
N VAL C 166 -18.43 4.51 -0.97
CA VAL C 166 -18.31 3.54 0.12
C VAL C 166 -16.94 3.65 0.83
N PHE C 167 -15.88 3.85 0.05
CA PHE C 167 -14.54 3.80 0.64
C PHE C 167 -14.32 4.97 1.61
N GLU C 168 -14.94 6.12 1.31
CA GLU C 168 -14.83 7.29 2.15
C GLU C 168 -15.48 7.05 3.52
N ARG C 169 -16.39 6.08 3.58
CA ARG C 169 -17.20 5.85 4.75
C ARG C 169 -16.78 4.60 5.50
N ILE C 170 -15.66 4.01 5.08
CA ILE C 170 -15.10 2.92 5.83
C ILE C 170 -13.86 3.44 6.60
N PRO C 171 -13.97 3.51 7.92
CA PRO C 171 -12.82 4.07 8.63
C PRO C 171 -11.59 3.19 8.51
N GLN C 172 -10.45 3.82 8.29
CA GLN C 172 -9.16 3.12 8.15
C GLN C 172 -9.20 2.16 6.95
N PHE C 173 -9.91 2.58 5.91
CA PHE C 173 -10.05 1.76 4.72
C PHE C 173 -8.70 1.50 4.08
N SER C 174 -8.43 0.21 3.85
CA SER C 174 -7.30 -0.23 3.06
C SER C 174 -7.79 -1.28 2.01
N ALA C 175 -7.77 -0.85 0.75
CA ALA C 175 -8.07 -1.66 -0.42
C ALA C 175 -7.39 -3.01 -0.38
N GLU C 176 -6.09 -3.02 -0.07
CA GLU C 176 -5.29 -4.26 -0.06
C GLU C 176 -5.78 -5.27 1.01
N HIS C 177 -6.48 -4.80 2.03
CA HIS C 177 -6.98 -5.69 3.08
C HIS C 177 -8.53 -5.83 3.04
N THR C 178 -9.10 -5.53 1.89
CA THR C 178 -10.55 -5.62 1.69
C THR C 178 -10.87 -6.66 0.61
N LEU C 179 -11.90 -7.45 0.89
CA LEU C 179 -12.44 -8.44 -0.01
C LEU C 179 -13.94 -8.13 -0.25
N ILE C 180 -14.35 -8.09 -1.50
CA ILE C 180 -15.78 -8.08 -1.87
C ILE C 180 -16.28 -9.50 -2.24
N ILE C 181 -17.42 -9.89 -1.68
CA ILE C 181 -18.04 -11.17 -1.95
C ILE C 181 -19.42 -10.94 -2.56
N GLY C 182 -19.60 -11.47 -3.76
CA GLY C 182 -20.83 -11.24 -4.51
C GLY C 182 -21.05 -12.19 -5.66
N ASP C 183 -22.29 -12.26 -6.16
CA ASP C 183 -22.66 -13.25 -7.19
C ASP C 183 -22.59 -12.66 -8.58
N SER C 184 -22.55 -11.35 -8.69
CA SER C 184 -22.59 -10.75 -10.04
C SER C 184 -21.21 -10.49 -10.62
N LEU C 185 -20.88 -11.15 -11.73
CA LEU C 185 -19.60 -10.84 -12.39
C LEU C 185 -19.46 -9.37 -12.78
N THR C 186 -20.52 -8.73 -13.23
CA THR C 186 -20.36 -7.34 -13.64
C THR C 186 -20.45 -6.37 -12.45
N ALA C 187 -21.41 -6.54 -11.55
CA ALA C 187 -21.63 -5.56 -10.47
C ALA C 187 -20.64 -5.70 -9.30
N ASP C 188 -20.37 -6.94 -8.89
CA ASP C 188 -19.57 -7.21 -7.72
C ASP C 188 -18.09 -7.44 -8.07
N ILE C 189 -17.86 -8.35 -9.03
CA ILE C 189 -16.49 -8.77 -9.33
C ILE C 189 -15.79 -7.76 -10.21
N LYS C 190 -16.34 -7.41 -11.38
CA LYS C 190 -15.72 -6.39 -12.23
C LYS C 190 -15.69 -5.05 -11.49
N GLY C 191 -16.79 -4.71 -10.86
CA GLY C 191 -16.87 -3.47 -10.08
C GLY C 191 -15.79 -3.35 -9.02
N GLY C 192 -15.65 -4.41 -8.25
CA GLY C 192 -14.69 -4.46 -7.17
C GLY C 192 -13.24 -4.47 -7.66
N GLN C 193 -13.00 -5.25 -8.69
CA GLN C 193 -11.67 -5.36 -9.29
C GLN C 193 -11.18 -4.02 -9.79
N LEU C 194 -12.02 -3.31 -10.54
CA LEU C 194 -11.70 -1.97 -11.02
C LEU C 194 -11.52 -1.00 -9.86
N ALA C 195 -12.21 -1.22 -8.74
CA ALA C 195 -11.97 -0.37 -7.57
C ALA C 195 -10.77 -0.75 -6.73
N GLY C 196 -10.04 -1.80 -7.12
CA GLY C 196 -8.76 -2.16 -6.45
C GLY C 196 -8.92 -3.19 -5.35
N LEU C 197 -10.04 -3.92 -5.35
CA LEU C 197 -10.28 -4.95 -4.34
C LEU C 197 -10.00 -6.35 -4.87
N ASP C 198 -9.59 -7.28 -4.00
CA ASP C 198 -9.73 -8.71 -4.24
C ASP C 198 -11.23 -9.08 -4.28
N THR C 199 -11.58 -10.11 -5.06
CA THR C 199 -12.99 -10.48 -5.32
C THR C 199 -13.27 -11.98 -5.12
N CYS C 200 -14.44 -12.30 -4.60
CA CYS C 200 -14.81 -13.69 -4.34
C CYS C 200 -16.14 -13.86 -4.98
N TRP C 201 -16.16 -14.69 -6.00
CA TRP C 201 -17.37 -14.87 -6.81
C TRP C 201 -18.20 -16.03 -6.22
N MET C 202 -19.38 -15.67 -5.73
CA MET C 202 -20.39 -16.63 -5.24
C MET C 202 -21.15 -17.18 -6.46
N ASN C 203 -20.78 -18.40 -6.84
CA ASN C 203 -21.24 -19.00 -8.10
C ASN C 203 -21.66 -20.47 -7.89
N PRO C 204 -22.68 -20.69 -7.03
CA PRO C 204 -23.21 -22.02 -6.76
C PRO C 204 -23.79 -22.70 -8.01
N ASP C 205 -24.29 -21.94 -8.98
CA ASP C 205 -25.00 -22.56 -10.12
C ASP C 205 -24.14 -22.78 -11.35
N MET C 206 -22.82 -22.69 -11.18
CA MET C 206 -21.88 -23.11 -12.23
C MET C 206 -21.98 -22.21 -13.46
N LYS C 207 -22.18 -20.93 -13.25
CA LYS C 207 -22.14 -20.01 -14.36
C LYS C 207 -20.73 -19.92 -14.95
N PRO C 208 -20.66 -19.65 -16.25
CA PRO C 208 -19.37 -19.58 -16.87
C PRO C 208 -18.58 -18.30 -16.59
N ASN C 209 -17.26 -18.47 -16.57
CA ASN C 209 -16.32 -17.36 -16.54
C ASN C 209 -16.30 -16.60 -17.86
N VAL C 210 -16.02 -15.31 -17.79
CA VAL C 210 -15.71 -14.51 -18.97
C VAL C 210 -14.25 -14.08 -18.83
N PRO C 211 -13.50 -14.04 -19.94
CA PRO C 211 -12.05 -13.88 -19.91
C PRO C 211 -11.56 -12.57 -19.31
N GLU C 212 -12.32 -11.50 -19.58
CA GLU C 212 -11.96 -10.17 -19.14
C GLU C 212 -12.25 -9.91 -17.63
N ILE C 213 -12.86 -10.86 -16.92
CA ILE C 213 -13.17 -10.66 -15.49
C ILE C 213 -12.77 -11.88 -14.68
N ILE C 214 -11.61 -11.80 -14.06
CA ILE C 214 -11.07 -12.95 -13.35
C ILE C 214 -11.16 -12.69 -11.83
N PRO C 215 -12.01 -13.45 -11.13
CA PRO C 215 -12.09 -13.19 -9.69
C PRO C 215 -10.91 -13.75 -8.92
N THR C 216 -10.64 -13.19 -7.75
CA THR C 216 -9.60 -13.72 -6.90
C THR C 216 -9.93 -15.14 -6.46
N TYR C 217 -11.18 -15.36 -6.06
CA TYR C 217 -11.67 -16.64 -5.64
C TYR C 217 -13.05 -16.93 -6.28
N GLU C 218 -13.37 -18.21 -6.36
CA GLU C 218 -14.69 -18.69 -6.82
CA GLU C 218 -14.69 -18.67 -6.79
C GLU C 218 -15.16 -19.70 -5.81
N ILE C 219 -16.37 -19.55 -5.30
CA ILE C 219 -16.91 -20.51 -4.36
C ILE C 219 -18.31 -20.95 -4.79
N ARG C 220 -18.74 -22.09 -4.27
CA ARG C 220 -20.10 -22.61 -4.47
C ARG C 220 -20.99 -22.41 -3.22
N LYS C 221 -20.36 -22.30 -2.05
CA LYS C 221 -21.09 -22.21 -0.79
C LYS C 221 -20.38 -21.23 0.12
N LEU C 222 -21.14 -20.51 0.93
CA LEU C 222 -20.62 -19.44 1.75
C LEU C 222 -19.54 -19.91 2.70
N GLU C 223 -19.70 -21.13 3.22
CA GLU C 223 -18.75 -21.67 4.18
C GLU C 223 -17.33 -21.86 3.64
N GLU C 224 -17.18 -21.93 2.33
CA GLU C 224 -15.85 -21.90 1.72
C GLU C 224 -15.02 -20.66 2.09
N LEU C 225 -15.67 -19.57 2.54
CA LEU C 225 -14.86 -18.42 2.99
C LEU C 225 -14.04 -18.73 4.26
N TYR C 226 -14.47 -19.67 5.08
CA TYR C 226 -13.71 -20.01 6.30
C TYR C 226 -12.26 -20.35 5.93
N HIS C 227 -12.05 -21.12 4.86
CA HIS C 227 -10.71 -21.42 4.42
C HIS C 227 -10.06 -20.24 3.73
N ILE C 228 -10.79 -19.57 2.85
CA ILE C 228 -10.22 -18.43 2.09
C ILE C 228 -9.64 -17.34 3.03
N LEU C 229 -10.30 -17.17 4.16
CA LEU C 229 -9.97 -16.17 5.18
C LEU C 229 -9.06 -16.73 6.31
N ASN C 230 -8.71 -18.03 6.19
CA ASN C 230 -7.70 -18.71 7.02
C ASN C 230 -8.12 -18.78 8.47
N ILE C 231 -9.37 -19.17 8.72
CA ILE C 231 -9.92 -19.21 10.07
C ILE C 231 -10.85 -20.41 10.34
MG MG D . 21.91 -10.36 -9.89
CL CL E . 21.58 -9.35 -5.31
C1 GOL F . 27.19 -10.46 -5.64
O1 GOL F . 27.93 -11.09 -6.66
C2 GOL F . 26.26 -9.53 -6.35
O2 GOL F . 25.42 -10.31 -7.21
C3 GOL F . 25.41 -8.76 -5.35
O3 GOL F . 24.71 -7.72 -6.03
CL CL G . 30.70 -8.22 -4.03
MG MG H . 4.41 18.78 14.12
CL CL I . 3.09 17.76 9.92
MG MG J . 10.81 1.64 23.47
MG MG K . -26.30 -10.07 -6.10
CL CL L . -26.40 -5.54 -6.34
#